data_6VPO
#
_entry.id   6VPO
#
_cell.length_a   1.00
_cell.length_b   1.00
_cell.length_c   1.00
_cell.angle_alpha   90.00
_cell.angle_beta   90.00
_cell.angle_gamma   90.00
#
_symmetry.space_group_name_H-M   'P 1'
#
loop_
_entity.id
_entity.type
_entity.pdbx_description
1 polymer 'Tubulin alpha-1A chain'
2 polymer 'Tubulin beta chain'
3 polymer 'Kinesin-like protein Klp61F'
4 non-polymer "GUANOSINE-5'-TRIPHOSPHATE"
5 non-polymer 'MAGNESIUM ION'
6 non-polymer "GUANOSINE-5'-DIPHOSPHATE"
7 non-polymer 'PHOSPHOAMINOPHOSPHONIC ACID-ADENYLATE ESTER'
#
loop_
_entity_poly.entity_id
_entity_poly.type
_entity_poly.pdbx_seq_one_letter_code
_entity_poly.pdbx_strand_id
1 'polypeptide(L)'
;MRECISIHVGQAGVQIGNACWELYCLEHGIQPDGQMPSDKTIGGGDDSFNTFFSETGAGKHVPRAVFVDLEPTVIDEVRT
GTYRQLFHPEQLITGKEDAANNYARGHYTIGKEIIDLVLDRIRKLADQCTGLQGFSVFHSFGGGTGSGFTSLLMERLSVD
YGKKSKLEFSIYPAPQVSTAVVEPYNSILTTHTTLEHSDCAFMVDNEAIYDICRRNLDIERPTYTNLNRLIGQIVSSITA
SLRFDGALNVDLTEFQTNLVPYPRAHFPLATYAPVISAEKAYHEQLSVAEITNACFEPANQMVKCDPRHGKYMACCLLYR
GDVVPKDVNAAIATIKTKRTIQFVDWCPTGFKVGINYEPPTVVPGGDLAKVQRAVCMLSNTTAIAEAWARLDHKFDLMYA
KRAFVHWYVGEGMEEGEFSEAREDMAALEKDYEEVGVDSVEGEGEEEGEEY
;
A
2 'polypeptide(L)'
;MREIVHIQAGQCGNQIGAKFWEVISDEHGIDPTGSYHGDSDLQLERINVYYNEAAGNKYVPRAILVDLEPGTMDSVRSGP
FGQIFRPDNFVFGQSGAGNNWAKGHYTEGAELVDSVLDVVRKESESCDCLQGFQLTHSLGGGTGSGMGTLLISKIREEYP
DRIMNTFSVVPSPKVSDTVVEPYNATLSVHQLVENTDETYCIDNEALYDICFRTLKLTTPTYGDLNHLVSATMSGVTTCL
RFPGQLNADLRKLAVNMVPFPRLHFFMPGFAPLTSRGSQQYRALTVPELTQQMFDAKNMMAACDPRHGRYLTVAAVFRGR
MSMKEVDEQMLNVQNKNSSYFVEWIPNNVKTAVCDIPPRGLKMSATFIGNSTAIQELFKRISEQFTAMFRRKAFLHWYTG
EGMDEMEFTEAESNMNDLVSEYQQYQDATADEQGEFEEEGEEDEA
;
B
3 'polypeptide(L)'
;MDISGGNTSRQPQKKSNQNIQVYVRVRPLNSRERCIRSAEVVDVVGPREVVTRHTLDSKLTKKFTFDRSFGPESKQCDVY
SVVVSPLIEEVLNGYNCTVFAYGQTGTGKTHTMVGNETAELKSSWEDDSDIGIIPRALSHLFDELRMMEVEYTMRISYLE
LYNEELCDLLSTDDTTKIRIFDDSTKKGSVIIQGLEEIPVHSKDDVYKLLEKGKERRKTATTLMNAQSSRSHTVFSIVVH
IRENGIEGEDMLKIGKLNLVDLAGSENVSKAGNEKGIRVRETVNINQSLLTLGRVITALVDRAPHVPYRESKLTRLLQES
LGGRTKTSIIATISPGHKDIEETLSTLEYAHRAKNIQNKPEVNQKLTKKLEHHHHHH
;
C
#
# COMPACT_ATOMS: atom_id res chain seq x y z
N ARG A 2 -7.06 37.17 18.32
CA ARG A 2 -8.05 37.32 17.26
C ARG A 2 -7.49 36.80 15.93
N GLU A 3 -6.50 35.92 16.00
CA GLU A 3 -5.83 35.40 14.82
C GLU A 3 -5.68 33.89 14.92
N CYS A 4 -5.69 33.23 13.77
CA CYS A 4 -5.51 31.78 13.69
C CYS A 4 -4.68 31.44 12.45
N ILE A 5 -4.06 30.26 12.49
CA ILE A 5 -3.17 29.82 11.43
C ILE A 5 -3.87 28.76 10.58
N SER A 6 -3.21 28.37 9.49
CA SER A 6 -3.76 27.42 8.54
C SER A 6 -2.84 26.20 8.39
N ILE A 7 -3.46 25.05 8.17
CA ILE A 7 -2.74 23.80 7.88
C ILE A 7 -3.41 23.13 6.68
N HIS A 8 -2.62 22.91 5.62
CA HIS A 8 -3.07 22.18 4.44
C HIS A 8 -2.07 21.06 4.18
N VAL A 9 -2.46 19.84 4.53
CA VAL A 9 -1.60 18.67 4.37
C VAL A 9 -2.08 17.87 3.17
N GLY A 10 -1.14 17.40 2.36
CA GLY A 10 -1.46 16.57 1.22
C GLY A 10 -1.90 17.38 0.01
N GLN A 11 -1.89 16.71 -1.14
CA GLN A 11 -2.27 17.35 -2.39
C GLN A 11 -3.64 18.00 -2.30
N ALA A 12 -4.58 17.33 -1.62
CA ALA A 12 -5.89 17.92 -1.40
C ALA A 12 -5.78 19.28 -0.71
N GLY A 13 -4.93 19.36 0.31
CA GLY A 13 -4.82 20.62 1.04
C GLY A 13 -4.25 21.74 0.19
N VAL A 14 -3.27 21.43 -0.65
CA VAL A 14 -2.61 22.47 -1.43
C VAL A 14 -3.57 23.07 -2.44
N GLN A 15 -4.12 22.24 -3.32
CA GLN A 15 -4.97 22.75 -4.38
C GLN A 15 -6.24 23.38 -3.85
N ILE A 16 -6.80 22.86 -2.77
CA ILE A 16 -7.97 23.47 -2.16
C ILE A 16 -7.62 24.86 -1.65
N GLY A 17 -6.53 24.97 -0.90
CA GLY A 17 -6.13 26.26 -0.36
C GLY A 17 -5.88 27.30 -1.42
N ASN A 18 -5.50 26.86 -2.63
CA ASN A 18 -5.25 27.79 -3.73
C ASN A 18 -6.41 28.77 -3.88
N ALA A 19 -7.64 28.25 -3.99
CA ALA A 19 -8.79 29.14 -4.05
C ALA A 19 -9.08 29.77 -2.70
N CYS A 20 -8.77 29.06 -1.62
CA CYS A 20 -9.03 29.60 -0.29
C CYS A 20 -8.28 30.90 -0.07
N TRP A 21 -6.96 30.86 -0.24
CA TRP A 21 -6.17 32.09 -0.06
C TRP A 21 -6.44 33.08 -1.17
N GLU A 22 -6.68 32.61 -2.40
CA GLU A 22 -7.08 33.51 -3.48
C GLU A 22 -8.31 34.30 -3.08
N LEU A 23 -9.31 33.62 -2.52
CA LEU A 23 -10.44 34.32 -1.91
C LEU A 23 -9.96 35.25 -0.81
N TYR A 24 -9.24 34.71 0.17
CA TYR A 24 -8.73 35.52 1.26
C TYR A 24 -7.93 36.71 0.75
N CYS A 25 -7.12 36.50 -0.30
CA CYS A 25 -6.36 37.61 -0.86
C CYS A 25 -7.28 38.63 -1.52
N LEU A 26 -8.32 38.16 -2.21
CA LEU A 26 -9.22 39.08 -2.89
C LEU A 26 -10.34 39.58 -1.99
N GLU A 27 -10.67 38.83 -0.94
CA GLU A 27 -11.75 39.27 -0.04
C GLU A 27 -11.43 40.62 0.60
N HIS A 28 -10.16 40.91 0.80
CA HIS A 28 -9.75 42.12 1.48
C HIS A 28 -8.93 43.06 0.62
N GLY A 29 -8.90 42.85 -0.70
CA GLY A 29 -8.20 43.74 -1.58
C GLY A 29 -6.69 43.62 -1.53
N ILE A 30 -6.18 42.43 -1.23
CA ILE A 30 -4.74 42.20 -1.29
C ILE A 30 -4.36 41.88 -2.72
N GLN A 31 -3.28 42.49 -3.20
CA GLN A 31 -2.79 42.19 -4.52
C GLN A 31 -2.06 40.86 -4.54
N PRO A 32 -1.93 40.23 -5.71
CA PRO A 32 -1.14 39.00 -5.79
C PRO A 32 0.32 39.18 -5.40
N ASP A 33 0.80 40.42 -5.31
CA ASP A 33 2.17 40.64 -4.88
C ASP A 33 2.27 40.68 -3.36
N GLY A 34 1.32 41.33 -2.70
CA GLY A 34 1.39 41.60 -1.28
C GLY A 34 1.29 43.07 -0.93
N GLN A 35 1.19 43.94 -1.92
CA GLN A 35 1.18 45.38 -1.71
C GLN A 35 -0.26 45.88 -1.80
N MET A 36 -0.84 46.21 -0.66
CA MET A 36 -2.17 46.77 -0.59
C MET A 36 -2.15 48.22 -1.08
N PRO A 37 -2.82 48.54 -2.18
CA PRO A 37 -2.76 49.91 -2.70
C PRO A 37 -3.50 50.87 -1.78
N SER A 38 -3.18 52.16 -1.97
CA SER A 38 -3.78 53.25 -1.20
C SER A 38 -3.61 53.06 0.31
N PHE A 49 -7.80 45.75 9.52
CA PHE A 49 -7.87 44.39 10.05
C PHE A 49 -6.64 43.58 9.66
N ASN A 50 -6.23 42.68 10.57
CA ASN A 50 -5.19 41.70 10.27
C ASN A 50 -5.51 40.45 11.09
N THR A 51 -6.16 39.47 10.46
CA THR A 51 -6.57 38.27 11.19
C THR A 51 -5.83 37.04 10.70
N PHE A 52 -5.72 36.88 9.38
CA PHE A 52 -5.01 35.76 8.79
C PHE A 52 -3.68 36.16 8.18
N PHE A 53 -3.21 37.36 8.48
CA PHE A 53 -1.97 37.85 7.89
C PHE A 53 -1.17 38.65 8.90
N SER A 54 0.14 38.52 8.84
CA SER A 54 1.06 39.42 9.53
C SER A 54 1.58 40.44 8.52
N GLU A 55 1.87 41.63 9.00
CA GLU A 55 2.30 42.73 8.14
C GLU A 55 3.66 43.21 8.61
N THR A 56 4.67 43.07 7.76
CA THR A 56 5.96 43.66 8.02
C THR A 56 5.95 45.11 7.57
N GLY A 57 7.00 45.85 7.95
CA GLY A 57 7.07 47.25 7.61
C GLY A 57 7.24 47.55 6.13
N ALA A 58 7.51 46.54 5.32
CA ALA A 58 7.70 46.73 3.88
C ALA A 58 6.40 46.88 3.12
N GLY A 59 5.25 46.92 3.81
CA GLY A 59 3.99 46.95 3.11
C GLY A 59 3.59 45.63 2.50
N LYS A 60 4.05 44.52 3.08
CA LYS A 60 3.77 43.18 2.57
C LYS A 60 2.94 42.42 3.59
N HIS A 61 1.98 41.65 3.12
CA HIS A 61 1.24 40.73 3.97
C HIS A 61 1.74 39.31 3.73
N VAL A 62 1.59 38.48 4.76
CA VAL A 62 1.99 37.09 4.65
C VAL A 62 0.88 36.20 5.20
N PRO A 63 0.50 35.13 4.50
CA PRO A 63 -0.56 34.26 5.02
C PRO A 63 -0.04 33.40 6.15
N ARG A 64 -0.88 33.26 7.18
CA ARG A 64 -0.55 32.41 8.32
C ARG A 64 -0.95 30.98 7.96
N ALA A 65 -0.16 30.40 7.06
CA ALA A 65 -0.46 29.10 6.49
C ALA A 65 0.70 28.15 6.67
N VAL A 66 0.39 26.86 6.57
CA VAL A 66 1.38 25.79 6.63
C VAL A 66 1.02 24.81 5.51
N PHE A 67 1.81 24.81 4.44
CA PHE A 67 1.63 23.89 3.33
C PHE A 67 2.76 22.87 3.36
N VAL A 68 2.42 21.64 3.71
CA VAL A 68 3.39 20.55 3.81
C VAL A 68 2.89 19.40 2.95
N ASP A 69 3.77 18.86 2.12
CA ASP A 69 3.44 17.75 1.24
C ASP A 69 4.63 16.79 1.18
N LEU A 70 4.34 15.50 1.17
CA LEU A 70 5.39 14.50 1.10
C LEU A 70 5.91 14.32 -0.32
N GLU A 71 5.23 14.86 -1.33
CA GLU A 71 5.71 14.83 -2.69
C GLU A 71 5.93 16.25 -3.18
N PRO A 72 7.12 16.58 -3.68
CA PRO A 72 7.37 17.95 -4.15
C PRO A 72 6.69 18.30 -5.45
N THR A 73 5.79 17.45 -5.95
CA THR A 73 5.16 17.70 -7.24
C THR A 73 4.20 18.87 -7.18
N VAL A 74 3.26 18.86 -6.23
CA VAL A 74 2.15 19.79 -6.28
C VAL A 74 2.52 21.19 -5.81
N ILE A 75 3.50 21.29 -4.90
CA ILE A 75 3.84 22.59 -4.32
C ILE A 75 4.36 23.54 -5.39
N ASP A 76 5.05 22.99 -6.39
CA ASP A 76 5.67 23.84 -7.42
C ASP A 76 4.66 24.74 -8.10
N GLU A 77 3.43 24.27 -8.28
CA GLU A 77 2.43 25.07 -8.98
C GLU A 77 2.22 26.43 -8.31
N VAL A 78 2.37 26.48 -6.99
CA VAL A 78 2.17 27.74 -6.28
C VAL A 78 3.45 28.56 -6.27
N ARG A 79 4.56 27.95 -5.85
CA ARG A 79 5.79 28.68 -5.65
C ARG A 79 6.57 28.95 -6.93
N THR A 80 6.15 28.37 -8.06
CA THR A 80 6.83 28.61 -9.33
C THR A 80 5.94 29.30 -10.36
N GLY A 81 4.67 29.49 -10.05
CA GLY A 81 3.77 30.20 -10.95
C GLY A 81 3.33 31.52 -10.38
N THR A 82 2.01 31.74 -10.34
CA THR A 82 1.48 32.92 -9.67
C THR A 82 1.43 32.67 -8.17
N TYR A 83 1.18 33.75 -7.42
CA TYR A 83 1.09 33.73 -5.97
C TYR A 83 2.39 33.33 -5.28
N ARG A 84 3.49 33.20 -6.03
CA ARG A 84 4.77 32.87 -5.41
C ARG A 84 5.33 34.04 -4.61
N GLN A 85 4.82 35.24 -4.82
CA GLN A 85 5.25 36.38 -4.02
C GLN A 85 4.52 36.45 -2.69
N LEU A 86 3.26 36.01 -2.65
CA LEU A 86 2.49 36.08 -1.42
C LEU A 86 3.03 35.14 -0.36
N PHE A 87 3.64 34.03 -0.76
CA PHE A 87 4.15 33.06 0.18
C PHE A 87 5.62 33.32 0.49
N HIS A 88 5.99 33.02 1.73
CA HIS A 88 7.40 32.96 2.07
C HIS A 88 7.81 31.50 2.18
N PRO A 89 8.84 31.07 1.47
CA PRO A 89 9.26 29.66 1.56
C PRO A 89 9.52 29.19 2.97
N GLU A 90 9.71 30.12 3.90
CA GLU A 90 9.76 29.81 5.33
C GLU A 90 8.63 28.88 5.73
N GLN A 91 7.40 29.22 5.33
CA GLN A 91 6.27 28.34 5.61
C GLN A 91 6.31 27.07 4.78
N LEU A 92 6.83 27.14 3.56
CA LEU A 92 6.76 26.03 2.63
C LEU A 92 7.70 24.92 3.07
N ILE A 93 7.13 23.85 3.59
CA ILE A 93 7.87 22.64 3.90
C ILE A 93 7.49 21.59 2.88
N THR A 94 8.47 20.78 2.47
CA THR A 94 8.27 19.83 1.38
C THR A 94 9.03 18.55 1.67
N GLY A 95 8.40 17.41 1.37
CA GLY A 95 9.03 16.11 1.49
C GLY A 95 9.78 15.72 0.24
N LYS A 96 10.16 14.45 0.19
CA LYS A 96 10.94 13.94 -0.94
C LYS A 96 10.41 12.64 -1.53
N GLU A 97 9.31 12.10 -1.02
CA GLU A 97 8.73 10.89 -1.60
C GLU A 97 7.30 10.73 -1.11
N ASP A 98 6.41 10.37 -2.04
CA ASP A 98 5.00 10.23 -1.70
C ASP A 98 4.78 9.03 -0.78
N ALA A 99 3.71 9.11 0.01
CA ALA A 99 3.35 8.05 0.94
C ALA A 99 2.74 6.83 0.25
N ALA A 100 2.53 6.92 -1.08
CA ALA A 100 1.94 5.84 -1.86
C ALA A 100 0.53 5.50 -1.39
N ASN A 101 -0.19 6.50 -0.88
CA ASN A 101 -1.55 6.32 -0.37
C ASN A 101 -1.60 5.27 0.73
N ASN A 102 -0.53 5.17 1.52
CA ASN A 102 -0.45 4.24 2.64
C ASN A 102 -0.42 5.03 3.93
N TYR A 103 -1.49 4.91 4.72
CA TYR A 103 -1.48 5.49 6.06
C TYR A 103 -0.28 5.02 6.85
N ALA A 104 0.11 3.76 6.64
CA ALA A 104 1.27 3.21 7.34
C ALA A 104 2.53 3.98 6.98
N ARG A 105 2.84 4.09 5.70
CA ARG A 105 4.02 4.85 5.29
C ARG A 105 3.87 6.33 5.62
N GLY A 106 2.66 6.85 5.51
CA GLY A 106 2.46 8.27 5.81
C GLY A 106 2.67 8.59 7.28
N HIS A 107 2.31 7.65 8.15
CA HIS A 107 2.39 7.91 9.58
C HIS A 107 3.77 7.59 10.15
N TYR A 108 4.27 6.39 9.86
CA TYR A 108 5.50 5.94 10.52
C TYR A 108 6.75 6.24 9.69
N THR A 109 6.81 5.69 8.48
CA THR A 109 8.05 5.67 7.71
C THR A 109 8.57 7.06 7.38
N ILE A 110 7.81 7.82 6.59
CA ILE A 110 8.30 9.09 6.08
C ILE A 110 7.90 10.25 6.98
N GLY A 111 6.66 10.27 7.45
CA GLY A 111 6.17 11.41 8.20
C GLY A 111 6.94 11.67 9.48
N LYS A 112 7.38 10.60 10.16
CA LYS A 112 8.15 10.79 11.38
C LYS A 112 9.46 11.52 11.10
N GLU A 113 9.95 11.44 9.87
CA GLU A 113 11.21 12.10 9.52
C GLU A 113 11.01 13.54 9.08
N ILE A 114 9.78 13.97 8.83
CA ILE A 114 9.53 15.32 8.35
C ILE A 114 8.79 16.13 9.40
N ILE A 115 7.99 15.44 10.23
CA ILE A 115 7.08 16.08 11.17
C ILE A 115 7.83 17.08 12.05
N ASP A 116 9.07 16.75 12.43
CA ASP A 116 9.81 17.61 13.33
C ASP A 116 10.10 18.96 12.69
N LEU A 117 10.39 18.98 11.39
CA LEU A 117 10.63 20.25 10.71
C LEU A 117 9.37 21.10 10.70
N VAL A 118 8.21 20.48 10.58
CA VAL A 118 6.96 21.24 10.52
C VAL A 118 6.68 21.92 11.85
N LEU A 119 6.80 21.17 12.95
CA LEU A 119 6.50 21.73 14.26
C LEU A 119 7.35 22.96 14.56
N ASP A 120 8.59 22.98 14.06
CA ASP A 120 9.45 24.13 14.31
C ASP A 120 8.86 25.39 13.71
N ARG A 121 8.30 25.30 12.50
CA ARG A 121 7.72 26.47 11.86
C ARG A 121 6.44 26.92 12.56
N ILE A 122 5.78 26.00 13.28
CA ILE A 122 4.52 26.35 13.92
C ILE A 122 4.75 27.27 15.11
N ARG A 123 5.71 26.94 15.97
CA ARG A 123 5.95 27.76 17.15
C ARG A 123 6.43 29.16 16.77
N LYS A 124 7.05 29.29 15.60
CA LYS A 124 7.40 30.62 15.10
C LYS A 124 6.16 31.43 14.81
N LEU A 125 5.15 30.79 14.21
CA LEU A 125 3.91 31.51 13.89
C LEU A 125 3.08 31.76 15.13
N ALA A 126 2.93 30.75 15.99
CA ALA A 126 2.10 30.90 17.18
C ALA A 126 2.61 32.02 18.07
N ASP A 127 3.93 32.16 18.18
CA ASP A 127 4.48 33.28 18.95
C ASP A 127 4.27 34.60 18.21
N GLN A 128 4.34 34.57 16.87
CA GLN A 128 4.08 35.76 16.09
C GLN A 128 2.66 36.25 16.28
N CYS A 129 1.72 35.34 16.51
CA CYS A 129 0.35 35.73 16.80
C CYS A 129 0.17 35.97 18.30
N THR A 130 -0.96 36.62 18.64
CA THR A 130 -1.30 36.92 20.02
C THR A 130 -2.74 36.51 20.24
N GLY A 131 -2.96 35.58 21.16
CA GLY A 131 -4.30 35.06 21.37
C GLY A 131 -4.71 34.15 20.23
N LEU A 132 -4.01 33.04 20.08
CA LEU A 132 -4.28 32.10 19.01
C LEU A 132 -5.67 31.51 19.16
N GLN A 133 -6.51 31.69 18.13
CA GLN A 133 -7.85 31.11 18.18
C GLN A 133 -7.84 29.63 17.83
N GLY A 134 -6.88 29.20 17.05
CA GLY A 134 -6.77 27.80 16.66
C GLY A 134 -6.18 27.68 15.27
N PHE A 135 -6.59 26.62 14.57
CA PHE A 135 -6.17 26.43 13.20
C PHE A 135 -7.13 25.47 12.52
N SER A 136 -7.17 25.53 11.19
CA SER A 136 -8.01 24.68 10.38
C SER A 136 -7.15 23.63 9.70
N VAL A 137 -7.64 22.39 9.68
CA VAL A 137 -6.91 21.26 9.12
C VAL A 137 -7.48 20.96 7.74
N PHE A 138 -6.59 20.72 6.77
CA PHE A 138 -6.97 20.39 5.41
C PHE A 138 -6.19 19.16 4.95
N HIS A 139 -6.90 18.11 4.58
CA HIS A 139 -6.29 16.87 4.14
C HIS A 139 -7.39 15.97 3.58
N SER A 140 -7.01 14.76 3.19
CA SER A 140 -7.94 13.78 2.64
C SER A 140 -8.01 12.56 3.54
N PHE A 141 -9.23 12.10 3.82
CA PHE A 141 -9.40 10.85 4.54
C PHE A 141 -9.07 9.65 3.66
N GLY A 142 -9.36 9.73 2.37
CA GLY A 142 -9.10 8.62 1.49
C GLY A 142 -7.64 8.49 1.11
N GLY A 143 -7.00 9.62 0.79
CA GLY A 143 -5.59 9.60 0.45
C GLY A 143 -4.72 9.21 1.61
N GLY A 144 -3.51 8.77 1.29
CA GLY A 144 -2.55 8.37 2.30
C GLY A 144 -1.91 9.54 3.01
N THR A 145 -1.40 10.49 2.23
CA THR A 145 -0.74 11.65 2.81
C THR A 145 -1.64 12.35 3.82
N GLY A 146 -2.92 12.52 3.46
CA GLY A 146 -3.87 13.13 4.37
C GLY A 146 -4.26 12.23 5.53
N SER A 147 -3.83 10.98 5.53
CA SER A 147 -4.19 10.03 6.58
C SER A 147 -3.08 9.87 7.60
N GLY A 148 -1.89 9.47 7.14
CA GLY A 148 -0.79 9.18 8.03
C GLY A 148 -0.07 10.41 8.55
N PHE A 149 0.39 11.26 7.63
CA PHE A 149 1.11 12.46 8.03
C PHE A 149 0.22 13.38 8.86
N THR A 150 -1.06 13.45 8.50
CA THR A 150 -2.01 14.24 9.29
C THR A 150 -2.13 13.70 10.71
N SER A 151 -2.34 12.39 10.83
CA SER A 151 -2.62 11.79 12.12
C SER A 151 -1.50 12.08 13.12
N LEU A 152 -0.26 11.77 12.74
CA LEU A 152 0.86 12.04 13.63
C LEU A 152 0.98 13.53 13.92
N LEU A 153 0.74 14.37 12.90
CA LEU A 153 0.80 15.82 13.10
C LEU A 153 -0.22 16.27 14.13
N MET A 154 -1.46 15.78 14.01
CA MET A 154 -2.51 16.18 14.94
C MET A 154 -2.14 15.83 16.37
N GLU A 155 -1.51 14.67 16.58
CA GLU A 155 -1.19 14.23 17.93
C GLU A 155 -0.19 15.16 18.59
N ARG A 156 0.74 15.72 17.80
CA ARG A 156 1.69 16.66 18.38
C ARG A 156 1.03 17.98 18.76
N LEU A 157 -0.06 18.33 18.10
CA LEU A 157 -0.70 19.61 18.37
C LEU A 157 -1.40 19.60 19.73
N SER A 158 -2.17 18.55 20.01
CA SER A 158 -2.88 18.48 21.29
C SER A 158 -1.92 18.34 22.46
N VAL A 159 -0.72 17.82 22.23
CA VAL A 159 0.27 17.72 23.29
C VAL A 159 0.72 19.11 23.72
N ASP A 160 1.05 19.97 22.75
CA ASP A 160 1.55 21.29 23.08
C ASP A 160 0.41 22.29 23.26
N TYR A 161 -0.63 22.20 22.44
CA TYR A 161 -1.74 23.16 22.47
C TYR A 161 -3.01 22.40 22.84
N GLY A 162 -3.22 22.23 24.14
CA GLY A 162 -4.40 21.51 24.58
C GLY A 162 -5.67 22.34 24.49
N LYS A 163 -5.60 23.59 24.94
CA LYS A 163 -6.76 24.48 24.92
C LYS A 163 -6.82 25.30 23.63
N LYS A 164 -6.86 24.62 22.49
CA LYS A 164 -6.96 25.28 21.21
C LYS A 164 -7.99 24.57 20.35
N SER A 165 -8.66 25.35 19.50
CA SER A 165 -9.63 24.78 18.58
C SER A 165 -8.93 24.06 17.44
N LYS A 166 -9.53 22.95 17.01
CA LYS A 166 -8.97 22.12 15.94
C LYS A 166 -10.10 21.80 14.97
N LEU A 167 -10.23 22.62 13.94
CA LEU A 167 -11.18 22.36 12.86
C LEU A 167 -10.54 21.50 11.79
N GLU A 168 -11.33 20.59 11.23
CA GLU A 168 -10.85 19.70 10.18
C GLU A 168 -11.81 19.72 9.00
N PHE A 169 -11.26 19.83 7.80
CA PHE A 169 -12.01 19.74 6.55
C PHE A 169 -11.44 18.56 5.78
N SER A 170 -11.93 17.37 6.08
CA SER A 170 -11.47 16.15 5.44
C SER A 170 -12.48 15.77 4.37
N ILE A 171 -12.08 15.88 3.11
CA ILE A 171 -12.96 15.51 2.00
C ILE A 171 -13.08 13.99 2.01
N TYR A 172 -14.31 13.50 2.17
CA TYR A 172 -14.43 12.05 2.24
C TYR A 172 -14.88 11.49 0.90
N PRO A 173 -14.38 10.32 0.53
CA PRO A 173 -14.75 9.73 -0.77
C PRO A 173 -16.23 9.36 -0.84
N ALA A 174 -16.67 9.09 -2.06
CA ALA A 174 -18.06 8.76 -2.32
C ALA A 174 -18.33 7.28 -2.05
N PRO A 175 -19.58 6.93 -1.72
CA PRO A 175 -19.92 5.52 -1.58
C PRO A 175 -19.80 4.74 -2.87
N GLN A 176 -20.01 5.39 -4.02
CA GLN A 176 -19.90 4.74 -5.32
C GLN A 176 -18.66 5.16 -6.09
N VAL A 177 -18.50 6.47 -6.32
CA VAL A 177 -17.36 6.96 -7.07
C VAL A 177 -16.11 6.90 -6.19
N SER A 178 -15.00 6.51 -6.79
CA SER A 178 -13.74 6.41 -6.07
C SER A 178 -12.58 6.69 -7.02
N THR A 179 -11.45 7.08 -6.45
CA THR A 179 -10.23 7.34 -7.21
C THR A 179 -9.17 6.27 -6.99
N ALA A 180 -8.91 5.91 -5.74
CA ALA A 180 -7.96 4.87 -5.40
C ALA A 180 -8.69 3.65 -4.84
N VAL A 181 -7.98 2.52 -4.83
CA VAL A 181 -8.60 1.27 -4.39
C VAL A 181 -8.53 1.12 -2.88
N VAL A 182 -7.47 1.63 -2.25
CA VAL A 182 -7.27 1.40 -0.82
C VAL A 182 -7.86 2.55 -0.02
N GLU A 183 -8.70 3.36 -0.66
CA GLU A 183 -9.36 4.45 0.05
C GLU A 183 -10.09 3.99 1.30
N PRO A 184 -10.89 2.92 1.28
CA PRO A 184 -11.59 2.53 2.52
C PRO A 184 -10.67 2.14 3.65
N TYR A 185 -9.43 1.75 3.38
CA TYR A 185 -8.54 1.36 4.47
C TYR A 185 -8.04 2.57 5.25
N ASN A 186 -7.82 3.69 4.58
CA ASN A 186 -7.32 4.87 5.29
C ASN A 186 -8.38 5.41 6.25
N SER A 187 -9.65 5.40 5.84
CA SER A 187 -10.69 5.96 6.68
C SER A 187 -10.79 5.24 8.01
N ILE A 188 -10.61 3.92 8.01
CA ILE A 188 -10.67 3.17 9.27
C ILE A 188 -9.53 3.58 10.19
N LEU A 189 -8.35 3.81 9.62
CA LEU A 189 -7.21 4.19 10.45
C LEU A 189 -7.34 5.61 10.97
N THR A 190 -7.94 6.51 10.20
CA THR A 190 -8.05 7.90 10.62
C THR A 190 -9.12 8.14 11.67
N THR A 191 -10.10 7.22 11.78
CA THR A 191 -11.19 7.43 12.72
C THR A 191 -10.67 7.57 14.15
N HIS A 192 -9.78 6.66 14.55
CA HIS A 192 -9.18 6.76 15.88
C HIS A 192 -8.41 8.06 16.06
N THR A 193 -7.85 8.57 14.96
CA THR A 193 -7.01 9.77 15.04
C THR A 193 -7.84 11.03 15.23
N THR A 194 -8.84 11.23 14.36
CA THR A 194 -9.61 12.47 14.40
C THR A 194 -10.53 12.51 15.62
N LEU A 195 -11.31 11.46 15.83
CA LEU A 195 -12.32 11.46 16.88
C LEU A 195 -11.70 11.72 18.25
N GLU A 196 -10.61 11.02 18.58
CA GLU A 196 -10.02 11.17 19.89
C GLU A 196 -9.34 12.53 20.04
N HIS A 197 -8.61 12.99 19.03
CA HIS A 197 -7.86 14.23 19.14
C HIS A 197 -8.69 15.43 18.70
N SER A 198 -9.11 15.46 17.45
CA SER A 198 -9.78 16.64 16.92
C SER A 198 -11.12 16.87 17.61
N ASP A 199 -11.45 18.14 17.79
CA ASP A 199 -12.72 18.53 18.40
C ASP A 199 -13.83 18.72 17.36
N CYS A 200 -13.47 19.20 16.17
CA CYS A 200 -14.45 19.41 15.12
C CYS A 200 -13.83 19.03 13.78
N ALA A 201 -14.59 18.29 12.98
CA ALA A 201 -14.14 17.88 11.66
C ALA A 201 -15.33 17.92 10.71
N PHE A 202 -15.07 18.33 9.47
CA PHE A 202 -16.11 18.46 8.46
C PHE A 202 -15.83 17.51 7.32
N MET A 203 -16.82 16.67 7.00
CA MET A 203 -16.71 15.68 5.94
C MET A 203 -17.62 16.10 4.79
N VAL A 204 -17.02 16.33 3.63
CA VAL A 204 -17.76 16.62 2.41
C VAL A 204 -17.26 15.67 1.33
N ASP A 205 -18.12 15.39 0.36
CA ASP A 205 -17.81 14.42 -0.68
C ASP A 205 -18.10 15.01 -2.05
N ASN A 206 -17.14 14.90 -2.96
CA ASN A 206 -17.26 15.52 -4.27
C ASN A 206 -18.43 14.98 -5.08
N GLU A 207 -18.92 13.79 -4.75
CA GLU A 207 -20.04 13.22 -5.49
C GLU A 207 -21.24 14.16 -5.48
N ALA A 208 -21.72 14.50 -4.29
CA ALA A 208 -22.80 15.46 -4.19
C ALA A 208 -22.38 16.85 -4.66
N ILE A 209 -21.09 17.16 -4.61
CA ILE A 209 -20.62 18.43 -5.15
C ILE A 209 -20.79 18.44 -6.66
N TYR A 210 -20.54 17.31 -7.31
CA TYR A 210 -20.87 17.20 -8.73
C TYR A 210 -22.35 17.42 -8.96
N ASP A 211 -23.19 16.87 -8.08
CA ASP A 211 -24.63 16.97 -8.25
C ASP A 211 -25.09 18.43 -8.35
N ILE A 212 -24.46 19.32 -7.58
CA ILE A 212 -24.87 20.71 -7.61
C ILE A 212 -24.40 21.38 -8.89
N CYS A 213 -23.17 21.08 -9.32
CA CYS A 213 -22.60 21.77 -10.46
C CYS A 213 -23.32 21.44 -11.76
N ARG A 214 -23.97 20.28 -11.83
CA ARG A 214 -24.72 19.89 -13.00
C ARG A 214 -26.23 20.11 -12.83
N ARG A 215 -26.64 20.71 -11.71
CA ARG A 215 -28.04 21.02 -11.51
C ARG A 215 -28.26 22.52 -11.40
N ASN A 216 -27.47 23.19 -10.55
CA ASN A 216 -27.67 24.62 -10.37
C ASN A 216 -26.84 25.42 -11.36
N LEU A 217 -25.60 25.02 -11.59
CA LEU A 217 -24.75 25.71 -12.55
C LEU A 217 -24.95 25.25 -13.98
N ASP A 218 -25.56 24.07 -14.16
CA ASP A 218 -25.79 23.51 -15.50
C ASP A 218 -24.46 23.36 -16.24
N ILE A 219 -23.49 22.76 -15.57
CA ILE A 219 -22.13 22.64 -16.08
C ILE A 219 -21.79 21.17 -16.24
N GLU A 220 -21.42 20.77 -17.45
CA GLU A 220 -21.03 19.40 -17.73
C GLU A 220 -19.52 19.21 -17.68
N ARG A 221 -18.76 20.24 -17.33
CA ARG A 221 -17.31 20.17 -17.22
C ARG A 221 -16.85 20.80 -15.90
N PRO A 222 -17.20 20.19 -14.76
CA PRO A 222 -16.66 20.68 -13.49
C PRO A 222 -15.34 20.02 -13.15
N THR A 223 -14.30 20.80 -12.92
CA THR A 223 -13.01 20.27 -12.54
C THR A 223 -12.78 20.46 -11.04
N TYR A 224 -11.60 20.07 -10.58
CA TYR A 224 -11.25 20.25 -9.18
C TYR A 224 -11.29 21.72 -8.79
N THR A 225 -10.71 22.59 -9.63
CA THR A 225 -10.69 24.02 -9.33
C THR A 225 -12.09 24.55 -9.06
N ASN A 226 -13.08 24.11 -9.84
CA ASN A 226 -14.44 24.59 -9.62
C ASN A 226 -14.99 24.10 -8.31
N LEU A 227 -14.75 22.83 -7.97
CA LEU A 227 -15.24 22.32 -6.69
C LEU A 227 -14.53 22.97 -5.53
N ASN A 228 -13.24 23.27 -5.70
CA ASN A 228 -12.47 23.84 -4.60
C ASN A 228 -12.93 25.26 -4.28
N ARG A 229 -13.24 26.05 -5.31
CA ARG A 229 -13.76 27.40 -5.07
C ARG A 229 -15.03 27.36 -4.24
N LEU A 230 -15.82 26.29 -4.38
CA LEU A 230 -17.02 26.14 -3.57
C LEU A 230 -16.66 25.91 -2.11
N ILE A 231 -15.78 24.93 -1.86
CA ILE A 231 -15.37 24.64 -0.49
C ILE A 231 -14.78 25.88 0.17
N GLY A 232 -14.02 26.66 -0.60
CA GLY A 232 -13.40 27.85 -0.04
C GLY A 232 -14.41 28.84 0.50
N GLN A 233 -15.55 28.96 -0.17
CA GLN A 233 -16.58 29.86 0.30
C GLN A 233 -17.15 29.42 1.64
N ILE A 234 -17.19 28.11 1.90
CA ILE A 234 -17.67 27.62 3.19
C ILE A 234 -16.73 28.07 4.30
N VAL A 235 -15.43 27.85 4.11
CA VAL A 235 -14.48 28.25 5.14
C VAL A 235 -14.46 29.75 5.31
N SER A 236 -14.64 30.50 4.22
CA SER A 236 -14.59 31.95 4.31
C SER A 236 -15.64 32.48 5.29
N SER A 237 -16.88 32.01 5.16
CA SER A 237 -17.94 32.51 6.04
C SER A 237 -17.79 31.98 7.46
N ILE A 238 -17.16 30.81 7.63
CA ILE A 238 -17.06 30.26 8.98
C ILE A 238 -16.14 31.10 9.85
N THR A 239 -15.02 31.58 9.32
CA THR A 239 -14.05 32.31 10.12
C THR A 239 -13.90 33.77 9.67
N ALA A 240 -13.64 34.01 8.38
CA ALA A 240 -13.28 35.35 7.95
C ALA A 240 -14.42 36.33 8.19
N SER A 241 -15.66 35.90 8.02
CA SER A 241 -16.79 36.76 8.29
C SER A 241 -16.98 37.02 9.78
N LEU A 242 -16.65 36.03 10.62
CA LEU A 242 -16.74 36.23 12.06
C LEU A 242 -15.65 37.16 12.58
N ARG A 243 -14.79 37.68 11.71
CA ARG A 243 -13.86 38.74 12.07
C ARG A 243 -14.40 40.12 11.77
N PHE A 244 -15.65 40.21 11.32
CA PHE A 244 -16.35 41.48 11.17
C PHE A 244 -17.63 41.45 12.00
N ASP A 245 -17.93 42.59 12.61
CA ASP A 245 -19.05 42.67 13.54
C ASP A 245 -20.37 42.89 12.81
N GLY A 246 -21.44 42.31 13.37
CA GLY A 246 -22.77 42.50 12.83
C GLY A 246 -23.84 42.60 13.91
N ALA A 247 -25.04 42.10 13.65
CA ALA A 247 -26.08 42.11 14.67
C ALA A 247 -25.75 41.13 15.78
N LEU A 248 -25.30 39.93 15.42
CA LEU A 248 -24.81 38.94 16.38
C LEU A 248 -23.59 38.27 15.78
N ASN A 249 -22.41 38.62 16.30
CA ASN A 249 -21.18 37.97 15.87
C ASN A 249 -21.00 36.66 16.62
N VAL A 250 -20.29 35.72 16.00
CA VAL A 250 -20.07 34.40 16.56
C VAL A 250 -18.57 34.13 16.60
N ASP A 251 -18.16 33.23 17.49
CA ASP A 251 -16.77 32.82 17.64
C ASP A 251 -16.63 31.36 17.26
N LEU A 252 -15.38 30.89 17.26
CA LEU A 252 -15.13 29.49 16.94
C LEU A 252 -15.36 28.58 18.15
N THR A 253 -14.97 29.05 19.34
CA THR A 253 -14.92 28.18 20.51
C THR A 253 -16.31 27.73 20.97
N GLU A 254 -17.33 28.57 20.79
CA GLU A 254 -18.66 28.18 21.29
C GLU A 254 -19.22 26.99 20.52
N PHE A 255 -18.72 26.76 19.31
CA PHE A 255 -19.18 25.62 18.52
C PHE A 255 -18.98 24.31 19.26
N GLN A 256 -17.83 24.16 19.93
CA GLN A 256 -17.59 22.96 20.71
C GLN A 256 -18.59 22.77 21.83
N THR A 257 -19.33 23.82 22.19
CA THR A 257 -20.40 23.74 23.17
C THR A 257 -21.78 23.99 22.56
N ASN A 258 -21.88 24.90 21.59
CA ASN A 258 -23.15 25.19 20.96
C ASN A 258 -23.54 24.17 19.89
N LEU A 259 -22.57 23.46 19.33
CA LEU A 259 -22.85 22.47 18.29
C LEU A 259 -22.55 21.04 18.70
N VAL A 260 -21.71 20.84 19.71
CA VAL A 260 -21.34 19.50 20.16
C VAL A 260 -21.87 19.28 21.57
N PRO A 261 -23.10 18.79 21.71
CA PRO A 261 -23.72 18.71 23.04
C PRO A 261 -23.14 17.62 23.94
N TYR A 262 -22.21 16.80 23.43
CA TYR A 262 -21.54 15.78 24.22
C TYR A 262 -20.15 15.59 23.64
N PRO A 263 -19.20 15.06 24.44
CA PRO A 263 -17.83 14.92 23.95
C PRO A 263 -17.68 14.23 22.60
N ARG A 264 -18.17 13.00 22.48
CA ARG A 264 -17.99 12.22 21.26
C ARG A 264 -19.25 12.30 20.39
N ALA A 265 -19.53 13.51 19.92
CA ALA A 265 -20.68 13.73 19.08
C ALA A 265 -20.47 14.75 17.97
N HIS A 266 -19.24 14.84 17.47
CA HIS A 266 -18.80 16.00 16.68
C HIS A 266 -18.40 15.60 15.27
N PHE A 267 -19.36 15.64 14.35
CA PHE A 267 -19.10 15.53 12.91
C PHE A 267 -20.19 16.28 12.16
N PRO A 268 -20.10 17.60 12.14
CA PRO A 268 -21.21 18.40 11.59
C PRO A 268 -21.33 18.27 10.09
N LEU A 269 -22.55 18.51 9.61
CA LEU A 269 -22.83 18.55 8.17
C LEU A 269 -22.96 20.00 7.72
N ALA A 270 -22.28 20.33 6.63
CA ALA A 270 -22.28 21.68 6.09
C ALA A 270 -23.05 21.73 4.78
N THR A 271 -23.88 22.76 4.63
CA THR A 271 -24.60 23.02 3.38
C THR A 271 -24.52 24.50 3.06
N TYR A 272 -24.41 24.80 1.77
CA TYR A 272 -24.32 26.18 1.30
C TYR A 272 -24.69 26.23 -0.18
N ALA A 273 -25.91 26.66 -0.48
CA ALA A 273 -26.35 26.56 -1.87
C ALA A 273 -27.02 27.81 -2.41
N PRO A 274 -26.43 29.00 -2.30
CA PRO A 274 -26.97 30.14 -3.06
C PRO A 274 -26.32 30.17 -4.45
N VAL A 275 -26.73 29.23 -5.29
CA VAL A 275 -26.05 28.96 -6.56
C VAL A 275 -27.05 29.20 -7.68
N ILE A 276 -26.97 30.37 -8.32
CA ILE A 276 -27.80 30.70 -9.47
C ILE A 276 -26.91 31.25 -10.57
N SER A 277 -27.19 30.84 -11.80
CA SER A 277 -26.44 31.34 -12.94
C SER A 277 -26.83 32.79 -13.25
N ALA A 278 -25.91 33.50 -13.87
CA ALA A 278 -26.14 34.90 -14.20
C ALA A 278 -27.05 35.03 -15.42
N GLN A 285 -34.87 35.25 -9.44
CA GLN A 285 -35.16 36.05 -8.25
C GLN A 285 -34.95 35.24 -6.99
N LEU A 286 -34.30 35.84 -5.99
CA LEU A 286 -33.90 35.16 -4.76
C LEU A 286 -34.34 35.97 -3.55
N SER A 287 -35.51 35.61 -3.00
CA SER A 287 -35.95 36.22 -1.75
C SER A 287 -35.15 35.64 -0.58
N VAL A 288 -35.37 36.20 0.60
CA VAL A 288 -34.59 35.79 1.77
C VAL A 288 -34.97 34.39 2.22
N ALA A 289 -36.25 34.19 2.54
CA ALA A 289 -36.67 32.92 3.13
C ALA A 289 -36.53 31.77 2.13
N GLU A 290 -36.79 32.03 0.85
CA GLU A 290 -36.68 30.97 -0.15
C GLU A 290 -35.25 30.45 -0.23
N ILE A 291 -34.27 31.30 0.06
CA ILE A 291 -32.89 30.83 0.09
C ILE A 291 -32.64 29.95 1.30
N THR A 292 -33.14 30.36 2.47
CA THR A 292 -32.91 29.59 3.68
C THR A 292 -33.56 28.21 3.61
N ASN A 293 -34.64 28.07 2.83
CA ASN A 293 -35.28 26.77 2.69
C ASN A 293 -34.36 25.77 2.03
N ALA A 294 -33.57 26.21 1.04
CA ALA A 294 -32.67 25.30 0.34
C ALA A 294 -31.63 24.71 1.26
N CYS A 295 -31.34 25.36 2.38
CA CYS A 295 -30.33 24.85 3.30
C CYS A 295 -30.73 23.51 3.89
N PHE A 296 -32.03 23.23 3.96
CA PHE A 296 -32.52 21.97 4.51
C PHE A 296 -33.03 21.02 3.43
N GLU A 297 -33.02 21.42 2.17
CA GLU A 297 -33.41 20.50 1.11
C GLU A 297 -32.38 19.39 0.99
N PRO A 298 -32.78 18.12 1.04
CA PRO A 298 -31.79 17.03 1.01
C PRO A 298 -31.00 16.96 -0.28
N ALA A 299 -31.46 17.60 -1.35
CA ALA A 299 -30.85 17.46 -2.65
C ALA A 299 -29.52 18.21 -2.79
N ASN A 300 -29.18 19.08 -1.84
CA ASN A 300 -27.94 19.84 -1.91
C ASN A 300 -27.27 19.88 -0.55
N GLN A 301 -27.17 18.71 0.09
CA GLN A 301 -26.56 18.60 1.40
C GLN A 301 -25.06 18.32 1.36
N MET A 302 -24.48 18.16 0.18
CA MET A 302 -23.04 18.00 -0.05
C MET A 302 -22.51 16.67 0.49
N VAL A 303 -23.36 15.82 1.06
CA VAL A 303 -22.99 14.48 1.48
C VAL A 303 -24.15 13.55 1.19
N LYS A 304 -23.85 12.39 0.62
CA LYS A 304 -24.91 11.48 0.17
C LYS A 304 -25.59 10.83 1.36
N CYS A 305 -26.59 11.51 1.91
CA CYS A 305 -27.35 11.01 3.04
C CYS A 305 -28.76 11.56 2.96
N ASP A 306 -29.61 11.15 3.89
CA ASP A 306 -31.01 11.53 3.92
C ASP A 306 -31.41 12.04 5.30
N PRO A 307 -31.84 13.28 5.43
CA PRO A 307 -32.27 13.76 6.76
C PRO A 307 -33.47 13.01 7.30
N ARG A 308 -34.35 12.52 6.42
CA ARG A 308 -35.51 11.77 6.88
C ARG A 308 -35.12 10.42 7.47
N HIS A 309 -34.00 9.84 7.02
CA HIS A 309 -33.53 8.58 7.60
C HIS A 309 -33.15 8.77 9.07
N GLY A 310 -32.54 9.92 9.39
CA GLY A 310 -32.16 10.19 10.76
C GLY A 310 -32.94 11.34 11.37
N LYS A 311 -32.35 12.03 12.34
CA LYS A 311 -32.95 13.18 12.98
C LYS A 311 -31.92 14.31 13.06
N TYR A 312 -32.38 15.47 13.50
CA TYR A 312 -31.56 16.67 13.60
C TYR A 312 -31.29 16.97 15.07
N MET A 313 -30.02 16.97 15.45
CA MET A 313 -29.61 17.19 16.83
C MET A 313 -29.39 18.67 17.13
N ALA A 314 -28.43 19.28 16.44
CA ALA A 314 -28.14 20.71 16.60
C ALA A 314 -27.89 21.32 15.23
N CYS A 315 -28.17 22.62 15.12
CA CYS A 315 -28.01 23.31 13.84
C CYS A 315 -27.90 24.80 14.11
N CYS A 316 -26.81 25.41 13.63
CA CYS A 316 -26.61 26.85 13.71
C CYS A 316 -26.39 27.39 12.31
N LEU A 317 -26.84 28.62 12.08
CA LEU A 317 -26.73 29.26 10.77
C LEU A 317 -25.77 30.43 10.82
N LEU A 318 -25.30 30.82 9.65
CA LEU A 318 -24.43 31.99 9.49
C LEU A 318 -24.87 32.72 8.23
N TYR A 319 -25.39 33.93 8.41
CA TYR A 319 -25.94 34.72 7.31
C TYR A 319 -24.89 35.72 6.85
N ARG A 320 -24.79 35.88 5.53
CA ARG A 320 -23.80 36.75 4.92
C ARG A 320 -24.49 37.89 4.18
N GLY A 321 -23.87 39.07 4.24
CA GLY A 321 -24.38 40.20 3.51
C GLY A 321 -25.55 40.89 4.19
N ASP A 322 -26.41 41.49 3.38
CA ASP A 322 -27.54 42.27 3.87
C ASP A 322 -28.68 41.38 4.36
N VAL A 323 -28.73 41.13 5.66
CA VAL A 323 -29.77 40.33 6.28
C VAL A 323 -30.27 41.06 7.51
N VAL A 324 -31.60 41.10 7.68
CA VAL A 324 -32.22 41.76 8.81
C VAL A 324 -32.79 40.67 9.72
N PRO A 325 -32.32 40.56 10.96
CA PRO A 325 -32.79 39.46 11.84
C PRO A 325 -34.28 39.50 12.17
N LYS A 326 -34.90 40.68 12.17
CA LYS A 326 -36.25 40.80 12.74
C LYS A 326 -37.26 39.99 11.94
N ASP A 327 -37.34 40.22 10.62
CA ASP A 327 -38.20 39.41 9.78
C ASP A 327 -37.64 38.02 9.54
N VAL A 328 -36.39 37.77 9.94
CA VAL A 328 -35.80 36.45 9.77
C VAL A 328 -36.49 35.43 10.67
N ASN A 329 -36.85 35.86 11.89
CA ASN A 329 -37.46 34.96 12.86
C ASN A 329 -38.68 34.23 12.32
N ALA A 330 -39.43 34.84 11.40
CA ALA A 330 -40.54 34.14 10.77
C ALA A 330 -40.05 32.94 9.97
N ALA A 331 -38.98 33.12 9.20
CA ALA A 331 -38.45 32.03 8.40
C ALA A 331 -38.00 30.87 9.29
N ILE A 332 -37.32 31.18 10.39
CA ILE A 332 -36.92 30.13 11.32
C ILE A 332 -38.14 29.41 11.87
N ALA A 333 -39.21 30.15 12.14
CA ALA A 333 -40.43 29.53 12.67
C ALA A 333 -41.05 28.60 11.65
N THR A 334 -40.95 28.95 10.36
CA THR A 334 -41.52 28.10 9.32
C THR A 334 -40.84 26.73 9.28
N ILE A 335 -39.58 26.66 9.70
CA ILE A 335 -38.93 25.36 9.84
C ILE A 335 -39.62 24.54 10.92
N LYS A 336 -39.98 25.18 12.03
CA LYS A 336 -40.72 24.47 13.07
C LYS A 336 -42.17 24.24 12.65
N THR A 337 -42.75 25.17 11.88
CA THR A 337 -44.13 25.00 11.43
C THR A 337 -44.25 23.90 10.39
N LYS A 338 -43.17 23.61 9.66
CA LYS A 338 -43.12 22.52 8.70
C LYS A 338 -42.60 21.24 9.31
N ARG A 339 -42.91 20.99 10.59
CA ARG A 339 -42.25 19.93 11.33
C ARG A 339 -42.62 18.56 10.77
N THR A 340 -41.84 18.13 9.78
CA THR A 340 -41.82 16.76 9.30
C THR A 340 -40.41 16.19 9.33
N ILE A 341 -39.46 16.93 9.91
CA ILE A 341 -38.06 16.52 9.95
C ILE A 341 -37.72 15.74 11.21
N GLN A 342 -38.64 15.64 12.16
CA GLN A 342 -38.45 14.88 13.40
C GLN A 342 -37.25 15.41 14.19
N PHE A 343 -37.40 16.65 14.64
CA PHE A 343 -36.39 17.27 15.48
C PHE A 343 -36.29 16.54 16.81
N VAL A 344 -35.06 16.39 17.31
CA VAL A 344 -34.83 15.64 18.53
C VAL A 344 -35.33 16.45 19.72
N ASP A 345 -35.46 15.80 20.87
CA ASP A 345 -36.02 16.44 22.06
C ASP A 345 -34.97 17.07 22.95
N TRP A 346 -33.70 16.69 22.82
CA TRP A 346 -32.68 17.17 23.73
C TRP A 346 -32.50 18.68 23.63
N CYS A 347 -32.60 19.24 22.42
CA CYS A 347 -32.34 20.66 22.22
C CYS A 347 -33.54 21.35 21.57
N PRO A 348 -34.36 22.07 22.31
CA PRO A 348 -35.47 22.80 21.70
C PRO A 348 -35.07 24.10 21.02
N THR A 349 -34.14 24.84 21.60
CA THR A 349 -33.83 26.18 21.12
C THR A 349 -32.37 26.26 20.70
N GLY A 350 -31.87 25.20 20.06
CA GLY A 350 -30.50 25.19 19.58
C GLY A 350 -30.35 25.80 18.20
N PHE A 351 -30.45 27.13 18.11
CA PHE A 351 -30.24 27.84 16.85
C PHE A 351 -29.47 29.12 17.14
N LYS A 352 -28.15 29.04 16.98
CA LYS A 352 -27.31 30.24 17.07
C LYS A 352 -27.20 30.85 15.68
N VAL A 353 -27.60 32.11 15.56
CA VAL A 353 -27.75 32.76 14.26
C VAL A 353 -26.52 33.63 14.01
N GLY A 354 -25.78 33.31 12.97
CA GLY A 354 -24.61 34.08 12.58
C GLY A 354 -24.97 35.21 11.64
N ILE A 355 -24.76 36.44 12.10
CA ILE A 355 -25.20 37.63 11.37
C ILE A 355 -23.96 38.45 11.05
N ASN A 356 -23.53 38.39 9.78
CA ASN A 356 -22.37 39.13 9.32
C ASN A 356 -22.80 40.18 8.31
N TYR A 357 -22.33 41.40 8.50
CA TYR A 357 -22.75 42.50 7.64
C TYR A 357 -22.05 42.45 6.28
N GLU A 358 -20.87 41.86 6.22
CA GLU A 358 -20.11 41.84 4.97
C GLU A 358 -20.69 40.83 4.01
N PRO A 359 -20.80 41.14 2.72
CA PRO A 359 -21.30 40.16 1.76
C PRO A 359 -20.16 39.34 1.17
N PRO A 360 -20.45 38.15 0.66
CA PRO A 360 -19.42 37.39 -0.06
C PRO A 360 -19.10 38.02 -1.40
N THR A 361 -17.97 37.61 -1.95
CA THR A 361 -17.45 38.17 -3.20
C THR A 361 -17.20 37.06 -4.20
N VAL A 362 -17.40 37.37 -5.48
CA VAL A 362 -17.16 36.43 -6.56
C VAL A 362 -15.77 36.67 -7.12
N VAL A 363 -15.01 35.59 -7.27
CA VAL A 363 -13.68 35.71 -7.90
C VAL A 363 -13.86 35.85 -9.40
N PRO A 364 -13.16 36.79 -10.06
CA PRO A 364 -13.24 36.89 -11.51
C PRO A 364 -12.86 35.60 -12.22
N GLY A 365 -13.74 35.10 -13.07
CA GLY A 365 -13.57 33.80 -13.66
C GLY A 365 -14.17 32.66 -12.88
N GLY A 366 -14.84 32.96 -11.77
CA GLY A 366 -15.54 31.94 -11.03
C GLY A 366 -16.93 31.69 -11.59
N ASP A 367 -17.55 30.62 -11.11
CA ASP A 367 -18.85 30.18 -11.61
C ASP A 367 -19.99 30.56 -10.68
N LEU A 368 -19.76 31.45 -9.72
CA LEU A 368 -20.79 31.87 -8.79
C LEU A 368 -21.24 33.28 -9.12
N ALA A 369 -22.54 33.53 -9.00
CA ALA A 369 -23.08 34.84 -9.32
C ALA A 369 -22.93 35.79 -8.14
N LYS A 370 -22.92 37.09 -8.46
CA LYS A 370 -22.82 38.13 -7.44
C LYS A 370 -24.14 38.18 -6.67
N VAL A 371 -24.17 37.56 -5.50
CA VAL A 371 -25.37 37.57 -4.67
C VAL A 371 -25.27 38.72 -3.67
N GLN A 372 -26.43 39.16 -3.19
CA GLN A 372 -26.47 40.19 -2.16
C GLN A 372 -26.61 39.62 -0.76
N ARG A 373 -26.91 38.34 -0.62
CA ARG A 373 -27.01 37.71 0.68
C ARG A 373 -26.76 36.21 0.52
N ALA A 374 -26.14 35.62 1.54
CA ALA A 374 -25.79 34.21 1.51
C ALA A 374 -25.93 33.63 2.91
N VAL A 375 -26.22 32.34 2.96
CA VAL A 375 -26.40 31.61 4.21
C VAL A 375 -25.68 30.27 4.08
N CYS A 376 -24.87 29.94 5.09
CA CYS A 376 -24.15 28.67 5.15
C CYS A 376 -24.56 27.95 6.42
N MET A 377 -25.01 26.71 6.29
CA MET A 377 -25.55 25.96 7.41
C MET A 377 -24.52 24.98 7.96
N LEU A 378 -24.45 24.89 9.29
CA LEU A 378 -23.75 23.82 9.98
C LEU A 378 -24.73 23.08 10.87
N SER A 379 -24.62 21.76 10.89
CA SER A 379 -25.55 20.96 11.67
C SER A 379 -25.00 19.56 11.86
N ASN A 380 -25.01 19.10 13.10
CA ASN A 380 -24.80 17.69 13.39
C ASN A 380 -26.13 16.96 13.38
N THR A 381 -26.09 15.71 12.94
CA THR A 381 -27.30 14.92 12.80
C THR A 381 -26.94 13.45 12.81
N THR A 382 -27.97 12.61 12.87
CA THR A 382 -27.77 11.18 12.76
C THR A 382 -27.57 10.73 11.32
N ALA A 383 -27.76 11.63 10.36
CA ALA A 383 -27.57 11.26 8.96
C ALA A 383 -26.11 10.99 8.63
N ILE A 384 -25.17 11.66 9.31
CA ILE A 384 -23.76 11.40 9.04
C ILE A 384 -23.38 9.99 9.47
N ALA A 385 -24.14 9.42 10.41
CA ALA A 385 -23.91 8.02 10.79
C ALA A 385 -24.20 7.09 9.62
N GLU A 386 -25.12 7.48 8.74
CA GLU A 386 -25.43 6.65 7.58
C GLU A 386 -24.25 6.56 6.63
N ALA A 387 -23.52 7.66 6.46
CA ALA A 387 -22.33 7.62 5.61
C ALA A 387 -21.32 6.61 6.10
N TRP A 388 -21.28 6.38 7.42
CA TRP A 388 -20.39 5.34 7.95
C TRP A 388 -20.87 3.96 7.52
N ALA A 389 -22.19 3.76 7.45
CA ALA A 389 -22.71 2.48 6.97
C ALA A 389 -22.31 2.23 5.52
N ARG A 390 -22.14 3.29 4.73
CA ARG A 390 -21.66 3.12 3.37
C ARG A 390 -20.23 2.60 3.37
N LEU A 391 -19.40 3.09 4.29
CA LEU A 391 -18.00 2.72 4.31
C LEU A 391 -17.80 1.33 4.89
N ASP A 392 -18.44 1.04 6.02
CA ASP A 392 -18.08 -0.12 6.83
C ASP A 392 -18.08 -1.40 6.01
N HIS A 393 -19.07 -1.57 5.13
CA HIS A 393 -19.11 -2.77 4.30
C HIS A 393 -17.94 -2.82 3.33
N LYS A 394 -17.57 -1.67 2.77
CA LYS A 394 -16.46 -1.64 1.83
C LYS A 394 -15.17 -2.11 2.49
N PHE A 395 -14.96 -1.74 3.76
CA PHE A 395 -13.76 -2.16 4.45
C PHE A 395 -13.78 -3.64 4.77
N ASP A 396 -14.94 -4.16 5.20
CA ASP A 396 -14.98 -5.53 5.70
C ASP A 396 -14.73 -6.54 4.58
N LEU A 397 -15.21 -6.25 3.38
CA LEU A 397 -15.05 -7.20 2.28
C LEU A 397 -13.58 -7.39 1.93
N MET A 398 -12.83 -6.30 1.78
CA MET A 398 -11.42 -6.42 1.48
C MET A 398 -10.65 -7.07 2.62
N TYR A 399 -11.09 -6.84 3.87
CA TYR A 399 -10.40 -7.45 4.99
C TYR A 399 -10.65 -8.95 5.06
N ALA A 400 -11.79 -9.41 4.54
CA ALA A 400 -12.09 -10.83 4.59
C ALA A 400 -11.09 -11.63 3.76
N LYS A 401 -10.89 -11.25 2.50
CA LYS A 401 -9.89 -11.90 1.67
C LYS A 401 -8.47 -11.51 2.05
N ARG A 402 -8.30 -10.52 2.92
CA ARG A 402 -6.99 -10.09 3.39
C ARG A 402 -6.08 -9.71 2.23
N ALA A 403 -6.60 -8.87 1.35
CA ALA A 403 -5.85 -8.40 0.19
C ALA A 403 -5.35 -6.98 0.42
N PHE A 404 -4.27 -6.63 -0.26
CA PHE A 404 -3.61 -5.35 -0.16
C PHE A 404 -3.13 -5.04 1.25
N VAL A 405 -3.23 -6.01 2.16
CA VAL A 405 -2.86 -5.78 3.54
C VAL A 405 -1.35 -5.83 3.74
N HIS A 406 -0.62 -6.51 2.84
CA HIS A 406 0.82 -6.65 3.04
C HIS A 406 1.54 -5.31 3.00
N TRP A 407 1.02 -4.36 2.21
CA TRP A 407 1.67 -3.06 2.11
C TRP A 407 1.76 -2.39 3.47
N TYR A 408 0.65 -2.34 4.20
CA TYR A 408 0.65 -1.68 5.50
C TYR A 408 1.51 -2.46 6.50
N VAL A 409 1.51 -3.79 6.42
CA VAL A 409 2.41 -4.56 7.26
C VAL A 409 3.86 -4.29 6.85
N GLY A 410 4.09 -3.99 5.58
CA GLY A 410 5.45 -3.73 5.13
C GLY A 410 6.07 -2.53 5.81
N GLU A 411 5.29 -1.45 5.96
CA GLU A 411 5.82 -0.28 6.65
C GLU A 411 5.91 -0.49 8.15
N GLY A 412 5.21 -1.49 8.69
CA GLY A 412 5.33 -1.85 10.09
C GLY A 412 4.07 -1.69 10.91
N MET A 413 3.00 -1.12 10.37
CA MET A 413 1.74 -1.09 11.11
C MET A 413 1.12 -2.48 11.09
N GLU A 414 0.90 -3.04 12.28
CA GLU A 414 0.41 -4.41 12.37
C GLU A 414 -1.09 -4.45 12.10
N GLU A 415 -1.57 -5.65 11.77
CA GLU A 415 -2.99 -5.81 11.46
C GLU A 415 -3.86 -5.60 12.69
N GLY A 416 -3.28 -5.74 13.89
CA GLY A 416 -4.04 -5.51 15.10
C GLY A 416 -4.65 -4.12 15.16
N GLU A 417 -3.99 -3.14 14.54
CA GLU A 417 -4.56 -1.80 14.47
C GLU A 417 -5.92 -1.81 13.78
N PHE A 418 -6.06 -2.64 12.75
CA PHE A 418 -7.31 -2.66 11.99
C PHE A 418 -8.46 -3.18 12.85
N SER A 419 -8.25 -4.30 13.53
CA SER A 419 -9.30 -4.85 14.39
C SER A 419 -9.68 -3.86 15.48
N GLU A 420 -8.69 -3.20 16.08
CA GLU A 420 -8.99 -2.22 17.12
C GLU A 420 -9.74 -1.02 16.55
N ALA A 421 -9.29 -0.51 15.39
CA ALA A 421 -9.92 0.66 14.81
C ALA A 421 -11.31 0.37 14.28
N ARG A 422 -11.59 -0.87 13.87
CA ARG A 422 -12.91 -1.19 13.34
C ARG A 422 -13.97 -1.09 14.42
N GLU A 423 -13.62 -1.40 15.67
CA GLU A 423 -14.58 -1.30 16.75
C GLU A 423 -14.92 0.14 17.08
N ASP A 424 -13.96 1.06 16.91
CA ASP A 424 -14.26 2.47 17.14
C ASP A 424 -15.28 2.99 16.15
N MET A 425 -15.27 2.46 14.92
CA MET A 425 -16.31 2.82 13.96
C MET A 425 -17.67 2.34 14.42
N ALA A 426 -17.75 1.10 14.90
CA ALA A 426 -19.02 0.58 15.39
C ALA A 426 -19.49 1.35 16.62
N ALA A 427 -18.57 1.57 17.57
CA ALA A 427 -18.94 2.26 18.80
C ALA A 427 -19.38 3.69 18.53
N LEU A 428 -18.69 4.39 17.64
CA LEU A 428 -19.07 5.76 17.31
C LEU A 428 -20.43 5.79 16.60
N GLU A 429 -20.64 4.88 15.66
CA GLU A 429 -21.89 4.88 14.91
C GLU A 429 -23.09 4.58 15.80
N LYS A 430 -22.89 3.79 16.86
CA LYS A 430 -23.98 3.53 17.78
C LYS A 430 -24.30 4.76 18.62
N ASP A 431 -23.26 5.50 19.03
CA ASP A 431 -23.47 6.67 19.88
C ASP A 431 -24.44 7.66 19.24
N TYR A 432 -24.31 7.88 17.94
CA TYR A 432 -25.29 8.71 17.24
C TYR A 432 -26.66 8.06 17.20
N GLU A 433 -26.71 6.74 17.03
CA GLU A 433 -27.98 6.03 17.06
C GLU A 433 -28.59 6.04 18.46
N GLU A 434 -27.75 6.05 19.49
CA GLU A 434 -28.24 6.00 20.87
C GLU A 434 -29.01 7.27 21.22
N VAL A 435 -28.58 8.42 20.71
CA VAL A 435 -29.20 9.69 21.09
C VAL A 435 -30.65 9.73 20.67
N GLY A 436 -30.98 9.18 19.50
CA GLY A 436 -32.36 9.20 19.03
C GLY A 436 -33.30 8.44 19.95
N VAL A 437 -32.79 7.38 20.59
CA VAL A 437 -33.65 6.55 21.44
C VAL A 437 -34.18 7.35 22.61
N ASP A 438 -33.31 8.13 23.25
CA ASP A 438 -33.72 8.90 24.42
C ASP A 438 -34.80 9.91 24.06
N SER A 439 -35.79 10.04 24.92
CA SER A 439 -36.87 10.98 24.71
C SER A 439 -37.37 11.55 26.04
N ARG B 2 13.30 12.82 -7.68
CA ARG B 2 13.14 11.39 -7.89
C ARG B 2 13.87 10.93 -9.14
N GLU B 3 14.74 9.93 -8.99
CA GLU B 3 15.48 9.37 -10.12
C GLU B 3 15.08 7.92 -10.33
N ILE B 4 15.11 7.50 -11.60
CA ILE B 4 14.80 6.13 -11.99
C ILE B 4 15.83 5.67 -13.00
N VAL B 5 16.38 4.48 -12.78
CA VAL B 5 17.34 3.87 -13.69
C VAL B 5 16.62 2.81 -14.52
N HIS B 6 16.90 2.81 -15.83
CA HIS B 6 16.30 1.87 -16.76
C HIS B 6 17.42 1.06 -17.43
N ILE B 7 17.18 -0.24 -17.60
CA ILE B 7 18.20 -1.17 -18.10
C ILE B 7 17.69 -1.83 -19.37
N GLN B 8 18.58 -1.97 -20.35
CA GLN B 8 18.31 -2.72 -21.57
C GLN B 8 19.21 -3.95 -21.61
N ALA B 9 18.66 -5.07 -22.07
CA ALA B 9 19.40 -6.31 -22.12
C ALA B 9 18.82 -7.21 -23.21
N GLY B 10 19.69 -7.82 -23.99
CA GLY B 10 19.29 -8.78 -25.00
C GLY B 10 19.11 -8.17 -26.38
N GLN B 11 19.06 -9.07 -27.38
CA GLN B 11 18.95 -8.64 -28.76
C GLN B 11 17.69 -7.81 -28.98
N CYS B 12 16.54 -8.31 -28.53
CA CYS B 12 15.30 -7.58 -28.72
C CYS B 12 15.23 -6.36 -27.80
N GLY B 13 15.60 -6.53 -26.54
CA GLY B 13 15.43 -5.45 -25.58
C GLY B 13 16.17 -4.19 -25.97
N ASN B 14 17.37 -4.34 -26.52
CA ASN B 14 18.15 -3.16 -26.87
C ASN B 14 17.52 -2.41 -28.04
N GLN B 15 16.80 -3.11 -28.91
CA GLN B 15 16.14 -2.44 -30.02
C GLN B 15 14.91 -1.65 -29.54
N ILE B 16 14.21 -2.18 -28.54
CA ILE B 16 12.97 -1.56 -28.09
C ILE B 16 13.23 -0.19 -27.49
N GLY B 17 14.25 -0.09 -26.65
CA GLY B 17 14.57 1.19 -26.03
C GLY B 17 14.94 2.27 -27.02
N ALA B 18 15.47 1.87 -28.18
CA ALA B 18 15.92 2.84 -29.17
C ALA B 18 14.80 3.81 -29.53
N LYS B 19 13.60 3.30 -29.76
CA LYS B 19 12.46 4.17 -30.00
C LYS B 19 12.02 4.86 -28.71
N PHE B 20 12.14 4.15 -27.58
CA PHE B 20 11.69 4.69 -26.30
C PHE B 20 12.31 6.05 -26.02
N TRP B 21 13.65 6.09 -25.96
CA TRP B 21 14.33 7.36 -25.69
C TRP B 21 14.07 8.38 -26.79
N GLU B 22 13.95 7.92 -28.03
CA GLU B 22 13.61 8.82 -29.11
C GLU B 22 12.30 9.54 -28.84
N VAL B 23 11.32 8.82 -28.27
CA VAL B 23 10.06 9.45 -27.89
C VAL B 23 10.27 10.40 -26.73
N ILE B 24 10.98 9.95 -25.69
CA ILE B 24 11.18 10.80 -24.53
C ILE B 24 11.98 12.04 -24.91
N SER B 25 12.95 11.90 -25.82
CA SER B 25 13.70 13.06 -26.26
C SER B 25 12.80 14.04 -27.01
N ASP B 26 11.93 13.51 -27.89
CA ASP B 26 10.97 14.36 -28.58
C ASP B 26 9.93 14.90 -27.61
N GLU B 27 9.71 14.22 -26.49
CA GLU B 27 8.78 14.71 -25.49
C GLU B 27 9.23 16.06 -24.94
N HIS B 28 10.42 16.10 -24.35
CA HIS B 28 10.94 17.35 -23.80
C HIS B 28 11.51 18.26 -24.86
N GLY B 29 11.75 17.76 -26.07
CA GLY B 29 12.34 18.59 -27.11
C GLY B 29 13.83 18.77 -26.96
N ILE B 30 14.55 17.69 -26.66
CA ILE B 30 16.00 17.73 -26.49
C ILE B 30 16.60 17.10 -27.74
N ASP B 31 17.46 17.86 -28.42
CA ASP B 31 18.13 17.35 -29.60
C ASP B 31 19.00 16.16 -29.24
N PRO B 32 19.24 15.23 -30.18
CA PRO B 32 20.06 14.05 -29.90
C PRO B 32 21.40 14.36 -29.24
N THR B 33 22.05 15.44 -29.65
CA THR B 33 23.38 15.73 -29.14
C THR B 33 23.37 16.10 -27.66
N GLY B 34 22.23 16.46 -27.10
CA GLY B 34 22.12 16.82 -25.70
C GLY B 34 21.70 18.26 -25.45
N SER B 35 21.67 19.10 -26.47
CA SER B 35 21.21 20.48 -26.31
C SER B 35 19.69 20.51 -26.26
N TYR B 36 19.16 21.38 -25.40
CA TYR B 36 17.72 21.54 -25.25
C TYR B 36 17.23 22.67 -26.13
N HIS B 37 16.19 22.38 -26.93
CA HIS B 37 15.65 23.39 -27.83
C HIS B 37 14.12 23.39 -27.84
N GLY B 38 13.48 22.81 -26.84
CA GLY B 38 12.05 22.87 -26.72
C GLY B 38 11.58 24.27 -26.39
N ASP B 39 10.26 24.41 -26.29
CA ASP B 39 9.65 25.69 -25.96
C ASP B 39 8.87 25.67 -24.66
N SER B 40 8.53 24.50 -24.13
CA SER B 40 7.74 24.42 -22.91
C SER B 40 8.67 24.40 -21.70
N ASP B 41 8.37 25.27 -20.74
CA ASP B 41 9.18 25.34 -19.53
C ASP B 41 8.84 24.23 -18.53
N LEU B 42 7.66 23.63 -18.66
CA LEU B 42 7.33 22.50 -17.81
C LEU B 42 8.19 21.28 -18.13
N GLN B 43 8.80 21.25 -19.31
CA GLN B 43 9.66 20.13 -19.67
C GLN B 43 10.88 20.05 -18.77
N LEU B 44 11.40 21.20 -18.35
CA LEU B 44 12.59 21.25 -17.51
C LEU B 44 12.24 21.24 -16.03
N GLU B 45 10.96 21.10 -15.68
CA GLU B 45 10.56 21.13 -14.29
C GLU B 45 10.94 19.84 -13.56
N ARG B 46 10.90 18.71 -14.26
CA ARG B 46 11.29 17.42 -13.70
C ARG B 46 12.20 16.68 -14.65
N ILE B 47 13.21 17.38 -15.18
CA ILE B 47 14.16 16.71 -16.07
C ILE B 47 15.02 15.73 -15.29
N ASN B 48 15.17 15.94 -13.98
CA ASN B 48 16.02 15.08 -13.16
C ASN B 48 15.60 13.62 -13.23
N VAL B 49 14.33 13.38 -13.57
CA VAL B 49 13.80 12.02 -13.49
C VAL B 49 14.57 11.07 -14.39
N TYR B 50 14.90 11.49 -15.60
CA TYR B 50 15.50 10.60 -16.58
C TYR B 50 16.77 11.13 -17.23
N TYR B 51 17.38 12.18 -16.69
CA TYR B 51 18.60 12.72 -17.30
C TYR B 51 19.49 13.31 -16.21
N ASN B 52 20.77 13.48 -16.56
CA ASN B 52 21.75 14.13 -15.71
C ASN B 52 22.32 15.35 -16.40
N GLU B 53 22.46 16.44 -15.66
CA GLU B 53 23.00 17.66 -16.23
C GLU B 53 24.46 17.45 -16.62
N ALA B 54 24.85 17.99 -17.76
CA ALA B 54 26.20 17.81 -18.28
C ALA B 54 26.84 19.17 -18.53
N ALA B 55 28.13 19.13 -18.82
CA ALA B 55 28.86 20.36 -19.13
C ALA B 55 28.33 20.99 -20.40
N GLY B 56 28.49 22.31 -20.49
CA GLY B 56 27.98 23.02 -21.66
C GLY B 56 26.49 22.92 -21.83
N ASN B 57 25.76 22.69 -20.74
CA ASN B 57 24.30 22.58 -20.76
C ASN B 57 23.85 21.48 -21.73
N LYS B 58 24.37 20.29 -21.50
CA LYS B 58 24.00 19.11 -22.26
C LYS B 58 23.22 18.15 -21.36
N TYR B 59 22.66 17.12 -21.98
CA TYR B 59 21.87 16.14 -21.26
C TYR B 59 22.30 14.74 -21.63
N VAL B 60 22.34 13.86 -20.64
CA VAL B 60 22.75 12.48 -20.84
C VAL B 60 21.60 11.57 -20.43
N PRO B 61 21.08 10.75 -21.33
CA PRO B 61 20.10 9.74 -20.94
C PRO B 61 20.65 8.79 -19.89
N ARG B 62 20.00 8.75 -18.72
CA ARG B 62 20.43 7.88 -17.64
C ARG B 62 20.09 6.45 -18.01
N ALA B 63 20.96 5.86 -18.82
CA ALA B 63 20.70 4.55 -19.42
C ALA B 63 21.88 3.62 -19.19
N ILE B 64 21.59 2.32 -19.23
CA ILE B 64 22.60 1.28 -19.18
C ILE B 64 22.31 0.29 -20.31
N LEU B 65 23.23 0.21 -21.26
CA LEU B 65 23.08 -0.64 -22.43
C LEU B 65 24.01 -1.85 -22.29
N VAL B 66 23.42 -3.04 -22.24
CA VAL B 66 24.15 -4.27 -21.97
C VAL B 66 23.65 -5.36 -22.90
N ASP B 67 24.59 -6.11 -23.47
CA ASP B 67 24.26 -7.22 -24.37
C ASP B 67 25.44 -8.17 -24.43
N LEU B 68 25.20 -9.35 -24.99
CA LEU B 68 26.26 -10.31 -25.24
C LEU B 68 26.76 -10.29 -26.68
N GLU B 69 26.18 -9.45 -27.53
CA GLU B 69 26.58 -9.38 -28.93
C GLU B 69 26.84 -7.93 -29.30
N PRO B 70 28.00 -7.62 -29.88
CA PRO B 70 28.30 -6.21 -30.17
C PRO B 70 27.54 -5.65 -31.36
N GLY B 71 27.23 -6.48 -32.35
CA GLY B 71 26.61 -5.99 -33.57
C GLY B 71 25.30 -5.26 -33.32
N THR B 72 24.43 -5.86 -32.49
CA THR B 72 23.13 -5.25 -32.24
C THR B 72 23.28 -3.89 -31.58
N MET B 73 24.18 -3.79 -30.60
CA MET B 73 24.36 -2.52 -29.89
C MET B 73 25.05 -1.48 -30.75
N ASP B 74 26.02 -1.89 -31.59
CA ASP B 74 26.70 -0.93 -32.44
C ASP B 74 25.74 -0.28 -33.42
N SER B 75 24.74 -1.00 -33.88
CA SER B 75 23.75 -0.41 -34.78
C SER B 75 22.98 0.71 -34.09
N VAL B 76 22.73 0.56 -32.78
CA VAL B 76 22.03 1.61 -32.05
C VAL B 76 22.90 2.87 -31.97
N ARG B 77 24.18 2.68 -31.66
CA ARG B 77 25.11 3.81 -31.65
C ARG B 77 25.40 4.32 -33.05
N SER B 78 25.09 3.53 -34.08
CA SER B 78 25.35 3.97 -35.45
C SER B 78 24.26 4.90 -35.95
N GLY B 79 23.00 4.53 -35.75
CA GLY B 79 21.89 5.29 -36.27
C GLY B 79 21.62 6.57 -35.50
N PRO B 80 20.41 7.10 -35.66
CA PRO B 80 20.06 8.33 -34.95
C PRO B 80 20.14 8.15 -33.44
N PHE B 81 20.37 9.25 -32.74
CA PHE B 81 20.63 9.23 -31.31
C PHE B 81 21.81 8.33 -30.99
N GLY B 82 22.77 8.28 -31.91
CA GLY B 82 23.92 7.41 -31.71
C GLY B 82 24.96 7.99 -30.78
N GLN B 83 24.99 9.31 -30.66
CA GLN B 83 25.89 9.98 -29.73
C GLN B 83 25.22 10.35 -28.42
N ILE B 84 23.94 10.04 -28.26
CA ILE B 84 23.23 10.53 -27.08
C ILE B 84 23.69 9.79 -25.82
N PHE B 85 24.08 8.53 -25.95
CA PHE B 85 24.61 7.81 -24.80
C PHE B 85 26.08 8.12 -24.62
N ARG B 86 26.53 8.05 -23.40
CA ARG B 86 27.97 8.13 -23.26
C ARG B 86 28.55 6.72 -23.36
N PRO B 87 29.53 6.49 -24.23
CA PRO B 87 29.95 5.12 -24.55
C PRO B 87 30.38 4.30 -23.36
N ASP B 88 30.78 4.97 -22.26
CA ASP B 88 31.18 4.23 -21.07
C ASP B 88 30.03 3.41 -20.51
N ASN B 89 28.79 3.76 -20.83
CA ASN B 89 27.65 2.99 -20.36
C ASN B 89 27.50 1.68 -21.11
N PHE B 90 28.07 1.56 -22.30
CA PHE B 90 28.04 0.28 -23.01
C PHE B 90 28.87 -0.74 -22.23
N VAL B 91 28.22 -1.83 -21.84
CA VAL B 91 28.88 -2.94 -21.16
C VAL B 91 28.48 -4.21 -21.90
N PHE B 92 29.44 -4.86 -22.53
CA PHE B 92 29.11 -5.99 -23.40
C PHE B 92 30.34 -6.87 -23.58
N GLY B 93 30.14 -7.96 -24.32
CA GLY B 93 31.23 -8.85 -24.69
C GLY B 93 30.92 -9.58 -25.97
N GLN B 94 31.75 -10.56 -26.31
CA GLN B 94 31.53 -11.35 -27.51
C GLN B 94 30.93 -12.70 -27.15
N SER B 95 30.78 -13.56 -28.16
CA SER B 95 30.23 -14.90 -27.98
C SER B 95 28.85 -14.85 -27.35
N GLY B 96 27.89 -14.27 -28.05
CA GLY B 96 26.55 -14.16 -27.52
C GLY B 96 25.96 -15.51 -27.14
N ALA B 97 25.03 -15.49 -26.19
CA ALA B 97 24.45 -16.74 -25.71
C ALA B 97 23.67 -17.45 -26.81
N GLY B 98 22.84 -16.72 -27.55
CA GLY B 98 22.07 -17.33 -28.61
C GLY B 98 20.95 -18.20 -28.11
N ASN B 99 19.99 -17.59 -27.41
CA ASN B 99 18.81 -18.29 -26.88
C ASN B 99 19.22 -19.43 -25.95
N ASN B 100 20.28 -19.21 -25.17
CA ASN B 100 20.77 -20.19 -24.22
C ASN B 100 20.64 -19.59 -22.83
N TRP B 101 19.48 -19.80 -22.20
CA TRP B 101 19.20 -19.18 -20.91
C TRP B 101 20.22 -19.62 -19.86
N ALA B 102 20.55 -20.91 -19.84
CA ALA B 102 21.53 -21.40 -18.87
C ALA B 102 22.86 -20.69 -19.04
N LYS B 103 23.28 -20.45 -20.28
CA LYS B 103 24.52 -19.73 -20.51
C LYS B 103 24.39 -18.27 -20.13
N GLY B 104 23.24 -17.66 -20.45
CA GLY B 104 23.07 -16.25 -20.16
C GLY B 104 22.94 -15.97 -18.67
N HIS B 105 22.20 -16.83 -17.96
CA HIS B 105 21.91 -16.56 -16.56
C HIS B 105 23.02 -17.06 -15.63
N TYR B 106 23.51 -18.28 -15.87
CA TYR B 106 24.34 -18.95 -14.89
C TYR B 106 25.82 -18.88 -15.18
N THR B 107 26.25 -19.25 -16.39
CA THR B 107 27.65 -19.51 -16.66
C THR B 107 28.34 -18.33 -17.34
N GLU B 108 27.87 -17.90 -18.51
CA GLU B 108 28.64 -16.93 -19.28
C GLU B 108 28.38 -15.50 -18.82
N GLY B 109 27.10 -15.10 -18.78
CA GLY B 109 26.79 -13.74 -18.38
C GLY B 109 27.26 -13.44 -16.97
N ALA B 110 27.29 -14.45 -16.10
CA ALA B 110 27.73 -14.26 -14.73
C ALA B 110 29.09 -13.60 -14.66
N GLU B 111 29.98 -13.91 -15.61
CA GLU B 111 31.28 -13.24 -15.66
C GLU B 111 31.11 -11.76 -15.98
N LEU B 112 30.12 -11.43 -16.81
CA LEU B 112 29.88 -10.03 -17.16
C LEU B 112 28.92 -9.35 -16.18
N VAL B 113 28.24 -10.14 -15.34
CA VAL B 113 27.23 -9.58 -14.44
C VAL B 113 27.85 -8.52 -13.52
N ASP B 114 28.92 -8.91 -12.82
CA ASP B 114 29.51 -8.00 -11.83
C ASP B 114 29.98 -6.70 -12.47
N SER B 115 30.43 -6.74 -13.72
CA SER B 115 30.84 -5.52 -14.39
C SER B 115 29.67 -4.58 -14.59
N VAL B 116 28.47 -5.12 -14.81
CA VAL B 116 27.30 -4.27 -14.94
C VAL B 116 26.92 -3.67 -13.61
N LEU B 117 26.95 -4.48 -12.54
CA LEU B 117 26.61 -3.99 -11.22
C LEU B 117 27.44 -2.77 -10.84
N ASP B 118 28.70 -2.74 -11.24
CA ASP B 118 29.53 -1.58 -10.95
C ASP B 118 28.97 -0.32 -11.59
N VAL B 119 28.55 -0.42 -12.85
CA VAL B 119 27.96 0.73 -13.53
C VAL B 119 26.60 1.05 -12.92
N VAL B 120 25.86 0.02 -12.51
CA VAL B 120 24.60 0.26 -11.80
C VAL B 120 24.86 0.94 -10.48
N ARG B 121 25.85 0.46 -9.73
CA ARG B 121 26.14 1.04 -8.42
C ARG B 121 26.68 2.46 -8.55
N LYS B 122 27.55 2.69 -9.53
CA LYS B 122 28.09 4.03 -9.73
C LYS B 122 26.99 5.02 -10.11
N GLU B 123 26.01 4.55 -10.89
CA GLU B 123 24.95 5.44 -11.34
C GLU B 123 24.06 5.89 -10.17
N SER B 124 23.74 4.96 -9.27
CA SER B 124 22.78 5.26 -8.21
C SER B 124 23.30 6.34 -7.25
N GLU B 125 24.59 6.30 -6.91
CA GLU B 125 25.11 7.23 -5.92
C GLU B 125 25.11 8.66 -6.45
N SER B 126 25.47 8.85 -7.71
CA SER B 126 25.43 10.20 -8.29
C SER B 126 24.00 10.71 -8.38
N CYS B 127 23.02 9.81 -8.43
CA CYS B 127 21.62 10.21 -8.40
C CYS B 127 21.22 10.64 -7.00
N ASP B 128 20.21 11.51 -6.92
CA ASP B 128 19.73 11.97 -5.62
C ASP B 128 19.16 10.82 -4.80
N CYS B 129 18.10 10.19 -5.31
CA CYS B 129 17.46 9.09 -4.59
C CYS B 129 16.74 8.21 -5.60
N LEU B 130 17.08 6.92 -5.62
CA LEU B 130 16.46 6.00 -6.57
C LEU B 130 14.98 5.86 -6.29
N GLN B 131 14.20 5.69 -7.36
CA GLN B 131 12.77 5.46 -7.23
C GLN B 131 12.39 4.06 -7.68
N GLY B 132 12.69 3.69 -8.92
CA GLY B 132 12.35 2.37 -9.43
C GLY B 132 13.44 1.84 -10.34
N PHE B 133 13.20 0.63 -10.85
CA PHE B 133 14.15 -0.05 -11.73
C PHE B 133 13.38 -0.67 -12.89
N GLN B 134 13.60 -0.15 -14.09
CA GLN B 134 12.96 -0.67 -15.29
C GLN B 134 13.93 -1.51 -16.09
N LEU B 135 13.46 -2.66 -16.57
CA LEU B 135 14.28 -3.57 -17.36
C LEU B 135 13.47 -4.05 -18.55
N THR B 136 13.87 -3.63 -19.75
CA THR B 136 13.25 -4.07 -20.99
C THR B 136 14.09 -5.21 -21.57
N HIS B 137 13.46 -6.37 -21.75
CA HIS B 137 14.17 -7.57 -22.16
C HIS B 137 13.17 -8.58 -22.67
N SER B 138 13.67 -9.76 -23.03
CA SER B 138 12.83 -10.86 -23.46
C SER B 138 12.55 -11.82 -22.30
N LEU B 139 11.47 -12.57 -22.46
CA LEU B 139 11.18 -13.72 -21.59
C LEU B 139 11.55 -15.04 -22.25
N GLY B 140 11.38 -15.13 -23.57
CA GLY B 140 11.79 -16.30 -24.33
C GLY B 140 13.18 -16.23 -24.90
N GLY B 141 13.78 -15.04 -24.92
CA GLY B 141 15.15 -14.90 -25.39
C GLY B 141 16.13 -15.27 -24.30
N GLY B 142 17.11 -16.10 -24.66
CA GLY B 142 18.02 -16.63 -23.66
C GLY B 142 18.85 -15.55 -22.98
N THR B 143 19.33 -14.57 -23.74
CA THR B 143 20.28 -13.62 -23.19
C THR B 143 19.60 -12.65 -22.23
N GLY B 144 18.61 -11.91 -22.70
CA GLY B 144 17.97 -10.92 -21.85
C GLY B 144 17.36 -11.54 -20.60
N SER B 145 16.66 -12.68 -20.77
CA SER B 145 16.13 -13.37 -19.62
C SER B 145 17.25 -13.92 -18.74
N GLY B 146 18.33 -14.36 -19.36
CA GLY B 146 19.44 -14.90 -18.60
C GLY B 146 20.09 -13.87 -17.70
N MET B 147 20.70 -12.86 -18.30
CA MET B 147 21.35 -11.83 -17.50
C MET B 147 20.32 -11.03 -16.70
N GLY B 148 19.20 -10.68 -17.34
CA GLY B 148 18.22 -9.83 -16.68
C GLY B 148 17.70 -10.39 -15.37
N THR B 149 17.39 -11.70 -15.35
CA THR B 149 16.94 -12.31 -14.12
C THR B 149 18.01 -12.25 -13.05
N LEU B 150 19.25 -12.63 -13.40
CA LEU B 150 20.35 -12.49 -12.46
C LEU B 150 20.61 -11.03 -12.14
N LEU B 151 20.46 -10.15 -13.12
CA LEU B 151 20.62 -8.73 -12.88
C LEU B 151 19.62 -8.23 -11.84
N ILE B 152 18.38 -8.71 -11.91
CA ILE B 152 17.36 -8.27 -10.97
C ILE B 152 17.64 -8.83 -9.58
N SER B 153 18.08 -10.09 -9.52
CA SER B 153 18.34 -10.72 -8.23
C SER B 153 19.36 -9.94 -7.43
N LYS B 154 20.48 -9.57 -8.05
CA LYS B 154 21.52 -8.84 -7.34
C LYS B 154 21.06 -7.42 -7.02
N ILE B 155 20.31 -6.80 -7.93
CA ILE B 155 19.88 -5.42 -7.72
C ILE B 155 18.89 -5.33 -6.57
N ARG B 156 17.84 -6.15 -6.63
CA ARG B 156 16.85 -6.14 -5.54
C ARG B 156 17.48 -6.49 -4.21
N GLU B 157 18.46 -7.39 -4.21
CA GLU B 157 19.18 -7.69 -2.98
C GLU B 157 19.89 -6.47 -2.45
N GLU B 158 20.42 -5.63 -3.35
CA GLU B 158 21.06 -4.39 -2.90
C GLU B 158 20.04 -3.32 -2.56
N TYR B 159 18.89 -3.31 -3.24
CA TYR B 159 17.89 -2.26 -3.05
C TYR B 159 16.55 -2.91 -2.78
N PRO B 160 16.28 -3.29 -1.53
CA PRO B 160 14.96 -3.86 -1.21
C PRO B 160 13.84 -2.84 -1.27
N ASP B 161 14.15 -1.56 -1.07
CA ASP B 161 13.12 -0.53 -1.02
C ASP B 161 12.71 -0.02 -2.39
N ARG B 162 13.39 -0.41 -3.45
CA ARG B 162 13.12 0.14 -4.76
C ARG B 162 12.08 -0.68 -5.52
N ILE B 163 11.68 -0.14 -6.67
CA ILE B 163 10.58 -0.69 -7.45
C ILE B 163 11.16 -1.49 -8.60
N MET B 164 10.77 -2.77 -8.70
CA MET B 164 11.21 -3.64 -9.78
C MET B 164 10.08 -3.77 -10.80
N ASN B 165 10.02 -2.79 -11.70
CA ASN B 165 9.10 -2.85 -12.83
C ASN B 165 9.81 -3.46 -14.02
N THR B 166 9.10 -4.33 -14.73
CA THR B 166 9.68 -5.05 -15.85
C THR B 166 8.75 -4.96 -17.04
N PHE B 167 9.22 -4.33 -18.11
CA PHE B 167 8.55 -4.38 -19.40
C PHE B 167 9.24 -5.46 -20.23
N SER B 168 8.63 -6.63 -20.30
CA SER B 168 9.20 -7.78 -20.98
C SER B 168 8.25 -8.29 -22.04
N VAL B 169 8.79 -9.03 -23.01
CA VAL B 169 8.02 -9.56 -24.11
C VAL B 169 7.77 -11.05 -23.83
N VAL B 170 6.50 -11.43 -23.80
CA VAL B 170 6.12 -12.81 -23.52
C VAL B 170 6.27 -13.62 -24.80
N PRO B 171 6.82 -14.84 -24.73
CA PRO B 171 6.88 -15.68 -25.92
C PRO B 171 5.52 -15.93 -26.53
N SER B 172 5.32 -15.50 -27.76
CA SER B 172 4.03 -15.59 -28.42
C SER B 172 3.83 -17.00 -28.97
N PRO B 173 2.73 -17.67 -28.64
CA PRO B 173 2.47 -18.99 -29.25
C PRO B 173 2.26 -18.93 -30.73
N LYS B 174 2.05 -17.74 -31.30
CA LYS B 174 1.76 -17.63 -32.72
C LYS B 174 3.02 -17.73 -33.56
N VAL B 175 3.95 -16.79 -33.39
CA VAL B 175 5.11 -16.65 -34.27
C VAL B 175 6.38 -16.72 -33.45
N SER B 176 7.32 -17.55 -33.90
CA SER B 176 8.67 -17.59 -33.36
C SER B 176 9.56 -18.26 -34.41
N ASP B 177 10.87 -18.06 -34.28
CA ASP B 177 11.78 -18.60 -35.28
C ASP B 177 12.20 -20.03 -34.95
N THR B 178 12.47 -20.31 -33.68
CA THR B 178 12.79 -21.66 -33.23
C THR B 178 11.71 -22.17 -32.29
N VAL B 179 11.52 -23.49 -32.29
CA VAL B 179 10.56 -24.11 -31.38
C VAL B 179 11.15 -24.36 -30.00
N VAL B 180 12.39 -23.91 -29.75
CA VAL B 180 13.00 -24.06 -28.43
C VAL B 180 12.76 -22.86 -27.55
N GLU B 181 12.12 -21.81 -28.05
CA GLU B 181 11.90 -20.60 -27.27
C GLU B 181 11.10 -20.80 -25.98
N PRO B 182 10.06 -21.64 -25.92
CA PRO B 182 9.27 -21.72 -24.68
C PRO B 182 10.07 -22.14 -23.46
N TYR B 183 11.18 -22.86 -23.63
CA TYR B 183 11.93 -23.33 -22.47
C TYR B 183 12.40 -22.18 -21.60
N ASN B 184 12.78 -21.06 -22.22
CA ASN B 184 13.34 -19.95 -21.47
C ASN B 184 12.32 -19.36 -20.50
N ALA B 185 11.05 -19.33 -20.90
CA ALA B 185 10.04 -18.66 -20.09
C ALA B 185 9.90 -19.32 -18.72
N THR B 186 9.80 -20.64 -18.68
CA THR B 186 9.75 -21.34 -17.40
C THR B 186 10.99 -21.02 -16.57
N LEU B 187 12.13 -20.91 -17.23
CA LEU B 187 13.35 -20.52 -16.52
C LEU B 187 13.41 -19.03 -16.25
N SER B 188 12.71 -18.21 -17.04
CA SER B 188 12.72 -16.78 -16.81
C SER B 188 11.91 -16.41 -15.56
N VAL B 189 10.63 -16.79 -15.54
CA VAL B 189 9.76 -16.40 -14.44
C VAL B 189 10.14 -17.12 -13.15
N HIS B 190 10.87 -18.23 -13.24
CA HIS B 190 11.32 -18.93 -12.04
C HIS B 190 12.10 -17.99 -11.12
N GLN B 191 12.79 -17.01 -11.70
CA GLN B 191 13.52 -16.01 -10.93
C GLN B 191 12.75 -14.71 -10.76
N LEU B 192 11.76 -14.45 -11.62
CA LEU B 192 11.11 -13.13 -11.62
C LEU B 192 10.19 -12.97 -10.41
N VAL B 193 9.17 -13.82 -10.29
CA VAL B 193 8.09 -13.60 -9.34
C VAL B 193 8.63 -13.36 -7.94
N GLU B 194 9.56 -14.22 -7.51
CA GLU B 194 10.08 -14.09 -6.15
C GLU B 194 11.01 -12.89 -6.00
N ASN B 195 11.54 -12.36 -7.11
CA ASN B 195 12.51 -11.29 -7.06
C ASN B 195 12.06 -10.05 -7.82
N THR B 196 10.80 -9.99 -8.24
CA THR B 196 10.29 -8.82 -8.94
C THR B 196 9.06 -8.29 -8.22
N ASP B 197 8.92 -6.97 -8.19
CA ASP B 197 7.77 -6.33 -7.57
C ASP B 197 6.56 -6.31 -8.49
N GLU B 198 6.79 -6.11 -9.79
CA GLU B 198 5.69 -5.97 -10.73
C GLU B 198 6.22 -6.30 -12.12
N THR B 199 5.34 -6.84 -12.96
CA THR B 199 5.75 -7.35 -14.26
C THR B 199 4.72 -6.95 -15.31
N TYR B 200 5.20 -6.58 -16.49
CA TYR B 200 4.36 -6.23 -17.62
C TYR B 200 4.49 -7.30 -18.69
N CYS B 201 3.36 -7.68 -19.28
CA CYS B 201 3.31 -8.76 -20.25
C CYS B 201 2.94 -8.20 -21.62
N ILE B 202 3.74 -8.53 -22.63
CA ILE B 202 3.49 -8.11 -24.01
C ILE B 202 3.62 -9.32 -24.91
N ASP B 203 2.76 -9.40 -25.93
CA ASP B 203 2.81 -10.48 -26.90
C ASP B 203 2.98 -9.92 -28.31
N ASN B 204 3.71 -10.66 -29.14
CA ASN B 204 3.88 -10.26 -30.53
C ASN B 204 2.58 -10.38 -31.30
N GLU B 205 1.81 -11.44 -31.05
CA GLU B 205 0.54 -11.62 -31.74
C GLU B 205 -0.34 -10.39 -31.55
N ALA B 206 -0.46 -9.91 -30.30
CA ALA B 206 -1.17 -8.67 -30.05
C ALA B 206 -0.48 -7.50 -30.70
N LEU B 207 0.85 -7.49 -30.75
CA LEU B 207 1.58 -6.42 -31.40
C LEU B 207 1.12 -6.26 -32.85
N TYR B 208 1.21 -7.34 -33.62
CA TYR B 208 0.75 -7.28 -35.00
C TYR B 208 -0.76 -7.10 -35.06
N ASP B 209 -1.47 -7.55 -34.02
CA ASP B 209 -2.92 -7.44 -34.02
C ASP B 209 -3.37 -5.98 -34.03
N ILE B 210 -2.76 -5.15 -33.19
CA ILE B 210 -3.19 -3.77 -33.09
C ILE B 210 -2.80 -2.99 -34.33
N CYS B 211 -1.56 -3.19 -34.81
CA CYS B 211 -1.10 -2.47 -35.98
C CYS B 211 -1.89 -2.85 -37.22
N PHE B 212 -2.41 -4.09 -37.27
CA PHE B 212 -3.19 -4.51 -38.41
C PHE B 212 -4.61 -3.96 -38.34
N ARG B 213 -5.24 -4.06 -37.17
CA ARG B 213 -6.66 -3.74 -37.04
C ARG B 213 -6.93 -2.25 -37.16
N THR B 214 -6.44 -1.46 -36.20
CA THR B 214 -6.80 -0.05 -36.16
C THR B 214 -5.92 0.79 -37.09
N LEU B 215 -4.63 0.49 -37.14
CA LEU B 215 -3.75 1.31 -37.96
C LEU B 215 -3.93 1.04 -39.43
N LYS B 216 -4.44 -0.13 -39.81
CA LYS B 216 -4.68 -0.48 -41.20
C LYS B 216 -3.44 -0.29 -42.05
N LEU B 217 -2.33 -0.85 -41.57
CA LEU B 217 -1.08 -0.84 -42.31
C LEU B 217 -0.89 -2.18 -43.00
N THR B 218 -0.36 -2.12 -44.23
CA THR B 218 -0.14 -3.31 -45.03
C THR B 218 1.13 -4.05 -44.61
N THR B 219 2.20 -3.31 -44.35
CA THR B 219 3.49 -3.90 -43.97
C THR B 219 3.87 -3.38 -42.59
N PRO B 220 3.56 -4.11 -41.54
CA PRO B 220 3.96 -3.66 -40.19
C PRO B 220 5.44 -3.89 -39.96
N THR B 221 6.23 -2.82 -40.00
CA THR B 221 7.65 -2.97 -39.79
C THR B 221 7.94 -3.26 -38.32
N TYR B 222 9.07 -3.93 -38.07
CA TYR B 222 9.40 -4.31 -36.70
C TYR B 222 9.64 -3.10 -35.82
N GLY B 223 10.18 -2.02 -36.39
CA GLY B 223 10.37 -0.82 -35.61
C GLY B 223 9.07 -0.14 -35.22
N ASP B 224 8.06 -0.22 -36.10
CA ASP B 224 6.80 0.44 -35.80
C ASP B 224 6.05 -0.26 -34.67
N LEU B 225 6.30 -1.55 -34.46
CA LEU B 225 5.71 -2.21 -33.30
C LEU B 225 6.29 -1.65 -32.01
N ASN B 226 7.57 -1.30 -32.01
CA ASN B 226 8.16 -0.64 -30.86
C ASN B 226 7.52 0.73 -30.62
N HIS B 227 7.09 1.41 -31.69
CA HIS B 227 6.42 2.68 -31.52
C HIS B 227 5.17 2.56 -30.67
N LEU B 228 4.52 1.39 -30.68
CA LEU B 228 3.36 1.19 -29.83
C LEU B 228 3.77 1.04 -28.37
N VAL B 229 4.70 0.13 -28.09
CA VAL B 229 5.11 -0.10 -26.71
C VAL B 229 5.81 1.12 -26.15
N SER B 230 6.39 1.95 -27.03
CA SER B 230 7.20 3.07 -26.57
C SER B 230 6.42 3.98 -25.64
N ALA B 231 5.25 4.47 -26.08
CA ALA B 231 4.49 5.40 -25.27
C ALA B 231 3.87 4.74 -24.05
N THR B 232 3.65 3.43 -24.08
CA THR B 232 3.00 2.76 -22.97
C THR B 232 3.80 2.91 -21.68
N MET B 233 5.12 2.79 -21.76
CA MET B 233 5.93 3.02 -20.57
C MET B 233 5.86 4.48 -20.15
N SER B 234 5.79 5.40 -21.11
CA SER B 234 5.69 6.82 -20.78
C SER B 234 4.43 7.11 -19.98
N GLY B 235 3.35 6.37 -20.23
CA GLY B 235 2.14 6.56 -19.45
C GLY B 235 2.36 6.28 -17.98
N VAL B 236 3.12 5.23 -17.67
CA VAL B 236 3.39 4.91 -16.27
C VAL B 236 4.20 6.02 -15.62
N THR B 237 5.15 6.59 -16.35
CA THR B 237 6.00 7.63 -15.79
C THR B 237 5.36 9.01 -15.84
N THR B 238 4.29 9.16 -16.62
CA THR B 238 3.74 10.49 -16.89
C THR B 238 3.39 11.25 -15.62
N CYS B 239 2.95 10.55 -14.57
CA CYS B 239 2.62 11.23 -13.32
C CYS B 239 3.84 11.84 -12.66
N LEU B 240 5.05 11.39 -13.01
CA LEU B 240 6.24 11.85 -12.30
C LEU B 240 6.78 13.14 -12.91
N ARG B 241 6.77 13.24 -14.24
CA ARG B 241 7.35 14.39 -14.91
C ARG B 241 6.53 15.66 -14.70
N PHE B 242 5.30 15.66 -15.15
CA PHE B 242 4.49 16.86 -15.15
C PHE B 242 3.63 16.95 -13.89
N PRO B 243 3.22 18.16 -13.51
CA PRO B 243 2.20 18.29 -12.47
C PRO B 243 0.84 17.86 -12.99
N GLY B 244 0.07 17.20 -12.13
CA GLY B 244 -1.23 16.68 -12.52
C GLY B 244 -2.23 16.86 -11.41
N GLN B 245 -3.42 16.31 -11.63
CA GLN B 245 -4.48 16.38 -10.63
C GLN B 245 -4.28 15.33 -9.55
N LEU B 246 -4.01 14.09 -9.95
CA LEU B 246 -3.66 13.01 -9.03
C LEU B 246 -2.41 12.33 -9.58
N ASN B 247 -1.24 12.87 -9.21
CA ASN B 247 0.03 12.35 -9.70
C ASN B 247 0.33 11.06 -8.96
N ALA B 248 -0.06 9.94 -9.56
CA ALA B 248 0.17 8.62 -8.98
C ALA B 248 1.60 8.20 -9.27
N ASP B 249 2.45 8.25 -8.24
CA ASP B 249 3.84 7.85 -8.39
C ASP B 249 3.94 6.36 -8.69
N LEU B 250 5.14 5.93 -9.07
CA LEU B 250 5.34 4.55 -9.48
C LEU B 250 4.99 3.59 -8.35
N ARG B 251 5.52 3.84 -7.16
CA ARG B 251 5.19 2.97 -6.02
C ARG B 251 3.71 3.09 -5.67
N LYS B 252 3.15 4.31 -5.78
CA LYS B 252 1.72 4.47 -5.56
C LYS B 252 0.92 3.61 -6.53
N LEU B 253 1.35 3.55 -7.79
CA LEU B 253 0.65 2.72 -8.76
C LEU B 253 0.77 1.24 -8.42
N ALA B 254 1.93 0.82 -7.91
CA ALA B 254 2.13 -0.58 -7.58
C ALA B 254 1.19 -1.04 -6.48
N VAL B 255 0.97 -0.18 -5.48
CA VAL B 255 0.14 -0.57 -4.35
C VAL B 255 -1.32 -0.67 -4.78
N ASN B 256 -1.74 0.13 -5.75
CA ASN B 256 -3.12 0.10 -6.18
C ASN B 256 -3.45 -1.15 -6.97
N MET B 257 -2.50 -1.71 -7.72
CA MET B 257 -2.79 -2.86 -8.55
C MET B 257 -2.60 -4.17 -7.80
N VAL B 258 -1.48 -4.32 -7.12
CA VAL B 258 -1.09 -5.58 -6.49
C VAL B 258 -2.04 -5.95 -5.36
N PRO B 259 -2.84 -7.01 -5.51
CA PRO B 259 -3.66 -7.45 -4.37
C PRO B 259 -2.93 -8.39 -3.45
N PHE B 260 -1.78 -8.90 -3.86
CA PHE B 260 -1.01 -9.86 -3.08
C PHE B 260 0.39 -9.92 -3.65
N PRO B 261 1.43 -9.99 -2.81
CA PRO B 261 2.82 -9.81 -3.30
C PRO B 261 3.28 -10.76 -4.39
N ARG B 262 2.42 -11.68 -4.84
CA ARG B 262 2.78 -12.55 -5.95
C ARG B 262 2.13 -12.16 -7.27
N LEU B 263 0.84 -11.85 -7.27
CA LEU B 263 0.08 -11.68 -8.51
C LEU B 263 0.21 -10.24 -8.97
N HIS B 264 1.29 -9.96 -9.70
CA HIS B 264 1.60 -8.61 -10.16
C HIS B 264 1.98 -8.61 -11.64
N PHE B 265 1.16 -9.25 -12.46
CA PHE B 265 1.32 -9.24 -13.91
C PHE B 265 0.17 -8.47 -14.52
N PHE B 266 0.46 -7.53 -15.41
CA PHE B 266 -0.56 -6.64 -15.94
C PHE B 266 -0.48 -6.60 -17.46
N MET B 267 -1.50 -5.96 -18.05
CA MET B 267 -1.65 -5.87 -19.50
C MET B 267 -1.82 -4.42 -19.92
N PRO B 268 -0.76 -3.78 -20.41
CA PRO B 268 -0.87 -2.40 -20.88
C PRO B 268 -1.61 -2.32 -22.21
N GLY B 269 -1.88 -1.09 -22.62
CA GLY B 269 -2.55 -0.85 -23.89
C GLY B 269 -2.80 0.62 -24.16
N PHE B 270 -2.54 1.06 -25.39
CA PHE B 270 -2.69 2.45 -25.77
C PHE B 270 -3.94 2.61 -26.62
N ALA B 271 -4.90 3.36 -26.12
CA ALA B 271 -6.20 3.49 -26.78
C ALA B 271 -6.16 4.45 -27.97
N PRO B 272 -5.79 5.72 -27.79
CA PRO B 272 -6.07 6.68 -28.90
C PRO B 272 -5.12 6.53 -30.07
N LEU B 273 -5.27 5.43 -30.80
CA LEU B 273 -4.57 5.22 -32.06
C LEU B 273 -5.59 4.76 -33.11
N THR B 274 -5.65 5.49 -34.22
CA THR B 274 -6.64 5.21 -35.26
C THR B 274 -6.08 5.63 -36.61
N SER B 275 -6.73 5.15 -37.66
CA SER B 275 -6.40 5.55 -39.01
C SER B 275 -6.69 7.05 -39.21
N ARG B 276 -6.44 7.53 -40.43
CA ARG B 276 -6.51 8.95 -40.71
C ARG B 276 -7.92 9.53 -40.53
N GLY B 277 -8.95 8.69 -40.44
CA GLY B 277 -10.30 9.17 -40.23
C GLY B 277 -10.51 9.81 -38.87
N ALA B 283 -14.91 13.18 -33.79
CA ALA B 283 -14.93 11.81 -33.28
C ALA B 283 -14.04 11.65 -32.05
N LEU B 284 -13.20 12.65 -31.81
CA LEU B 284 -12.21 12.61 -30.74
C LEU B 284 -12.79 13.25 -29.48
N THR B 285 -13.39 12.44 -28.62
CA THR B 285 -13.92 12.88 -27.34
C THR B 285 -13.20 12.16 -26.20
N VAL B 286 -13.52 12.57 -24.98
CA VAL B 286 -12.96 11.94 -23.78
C VAL B 286 -13.63 10.59 -23.54
N PRO B 287 -14.97 10.48 -23.60
CA PRO B 287 -15.57 9.14 -23.53
C PRO B 287 -15.11 8.22 -24.64
N GLU B 288 -14.69 8.79 -25.78
CA GLU B 288 -14.16 7.97 -26.87
C GLU B 288 -13.00 7.11 -26.40
N LEU B 289 -12.22 7.61 -25.44
CA LEU B 289 -11.12 6.84 -24.90
C LEU B 289 -11.61 5.72 -23.99
N THR B 290 -12.64 6.00 -23.20
CA THR B 290 -13.12 5.03 -22.22
C THR B 290 -13.59 3.75 -22.90
N GLN B 291 -14.29 3.88 -24.02
CA GLN B 291 -14.75 2.70 -24.74
C GLN B 291 -13.58 1.86 -25.22
N GLN B 292 -12.58 2.50 -25.84
CA GLN B 292 -11.41 1.78 -26.31
C GLN B 292 -10.64 1.17 -25.15
N MET B 293 -10.66 1.81 -23.98
CA MET B 293 -9.94 1.30 -22.83
C MET B 293 -10.35 -0.12 -22.50
N PHE B 294 -11.62 -0.32 -22.20
CA PHE B 294 -12.07 -1.64 -21.78
C PHE B 294 -12.10 -2.65 -22.93
N ASP B 295 -12.14 -2.18 -24.17
CA ASP B 295 -12.26 -3.09 -25.31
C ASP B 295 -11.03 -3.97 -25.42
N ALA B 296 -11.25 -5.20 -25.88
CA ALA B 296 -10.16 -6.18 -25.95
C ALA B 296 -9.16 -5.85 -27.05
N LYS B 297 -9.54 -5.02 -28.01
CA LYS B 297 -8.68 -4.72 -29.14
C LYS B 297 -7.47 -3.87 -28.78
N ASN B 298 -7.33 -3.48 -27.52
CA ASN B 298 -6.16 -2.73 -27.07
C ASN B 298 -5.33 -3.51 -26.05
N MET B 299 -5.74 -4.72 -25.71
CA MET B 299 -4.97 -5.54 -24.78
C MET B 299 -3.76 -6.11 -25.48
N MET B 300 -2.58 -5.86 -24.93
CA MET B 300 -1.33 -6.31 -25.51
C MET B 300 -1.00 -7.76 -25.16
N ALA B 301 -1.89 -8.45 -24.47
CA ALA B 301 -1.73 -9.86 -24.18
C ALA B 301 -2.55 -10.68 -25.18
N ALA B 302 -2.08 -11.90 -25.46
CA ALA B 302 -2.74 -12.79 -26.40
C ALA B 302 -3.85 -13.58 -25.71
N CYS B 303 -4.76 -12.86 -25.08
CA CYS B 303 -5.88 -13.47 -24.37
C CYS B 303 -7.06 -12.53 -24.42
N ASP B 304 -8.25 -13.09 -24.29
CA ASP B 304 -9.45 -12.28 -24.15
C ASP B 304 -9.57 -11.87 -22.68
N PRO B 305 -9.51 -10.58 -22.37
CA PRO B 305 -9.72 -10.16 -20.98
C PRO B 305 -11.09 -10.53 -20.44
N ARG B 306 -12.07 -10.76 -21.31
CA ARG B 306 -13.39 -11.18 -20.87
C ARG B 306 -13.46 -12.65 -20.51
N HIS B 307 -12.48 -13.45 -20.94
CA HIS B 307 -12.42 -14.84 -20.50
C HIS B 307 -12.24 -14.92 -18.99
N GLY B 308 -11.32 -14.14 -18.45
CA GLY B 308 -11.14 -14.00 -17.02
C GLY B 308 -11.91 -12.82 -16.46
N ARG B 309 -11.50 -12.39 -15.27
CA ARG B 309 -12.11 -11.25 -14.61
C ARG B 309 -11.02 -10.36 -14.04
N TYR B 310 -11.33 -9.07 -13.91
CA TYR B 310 -10.34 -8.09 -13.49
C TYR B 310 -10.20 -8.05 -11.98
N LEU B 311 -8.96 -7.86 -11.51
CA LEU B 311 -8.70 -7.52 -10.11
C LEU B 311 -8.66 -6.01 -9.92
N THR B 312 -7.75 -5.33 -10.61
CA THR B 312 -7.59 -3.89 -10.52
C THR B 312 -7.29 -3.34 -11.90
N VAL B 313 -7.67 -2.07 -12.10
CA VAL B 313 -7.46 -1.39 -13.37
C VAL B 313 -7.04 0.04 -13.09
N ALA B 314 -5.88 0.43 -13.61
CA ALA B 314 -5.40 1.80 -13.49
C ALA B 314 -5.58 2.53 -14.80
N ALA B 315 -6.06 3.77 -14.72
CA ALA B 315 -6.28 4.60 -15.90
C ALA B 315 -5.50 5.90 -15.73
N VAL B 316 -4.65 6.21 -16.72
CA VAL B 316 -3.86 7.42 -16.72
C VAL B 316 -4.22 8.20 -17.98
N PHE B 317 -4.84 9.37 -17.80
CA PHE B 317 -5.37 10.15 -18.90
C PHE B 317 -4.46 11.33 -19.19
N ARG B 318 -4.36 11.68 -20.47
CA ARG B 318 -3.49 12.76 -20.94
C ARG B 318 -4.37 13.84 -21.56
N GLY B 319 -4.47 14.99 -20.90
CA GLY B 319 -5.20 16.10 -21.47
C GLY B 319 -6.10 16.83 -20.49
N ARG B 320 -6.65 17.95 -20.92
CA ARG B 320 -7.56 18.75 -20.11
C ARG B 320 -8.87 17.99 -19.96
N MET B 321 -9.04 17.32 -18.83
CA MET B 321 -10.22 16.49 -18.60
C MET B 321 -10.77 16.73 -17.20
N SER B 322 -12.09 16.74 -17.10
CA SER B 322 -12.76 16.77 -15.80
C SER B 322 -13.07 15.34 -15.37
N MET B 323 -12.65 15.00 -14.16
CA MET B 323 -12.90 13.65 -13.65
C MET B 323 -14.40 13.38 -13.52
N LYS B 324 -15.21 14.43 -13.38
CA LYS B 324 -16.65 14.25 -13.48
C LYS B 324 -17.01 13.58 -14.80
N GLU B 325 -16.45 14.08 -15.90
CA GLU B 325 -16.63 13.41 -17.18
C GLU B 325 -15.94 12.06 -17.20
N VAL B 326 -14.98 11.86 -16.30
CA VAL B 326 -14.30 10.57 -16.21
C VAL B 326 -15.10 9.61 -15.33
N ASP B 327 -15.31 10.00 -14.07
CA ASP B 327 -15.84 9.06 -13.09
C ASP B 327 -17.25 8.62 -13.46
N GLU B 328 -18.09 9.54 -13.94
CA GLU B 328 -19.40 9.14 -14.42
C GLU B 328 -19.28 8.19 -15.58
N GLN B 329 -18.41 8.50 -16.54
CA GLN B 329 -18.11 7.55 -17.61
C GLN B 329 -17.47 6.30 -17.05
N MET B 330 -16.60 6.45 -16.05
CA MET B 330 -15.94 5.30 -15.45
C MET B 330 -16.93 4.44 -14.68
N LEU B 331 -17.88 5.06 -13.98
CA LEU B 331 -18.80 4.30 -13.14
C LEU B 331 -19.65 3.34 -13.96
N ASN B 332 -19.92 3.67 -15.22
CA ASN B 332 -20.70 2.77 -16.07
C ASN B 332 -20.01 1.44 -16.24
N VAL B 333 -18.68 1.44 -16.37
CA VAL B 333 -17.95 0.20 -16.58
C VAL B 333 -18.13 -0.73 -15.38
N GLN B 334 -18.16 -0.17 -14.18
CA GLN B 334 -18.44 -1.00 -13.00
C GLN B 334 -19.83 -1.62 -13.07
N ASN B 335 -20.79 -0.91 -13.64
CA ASN B 335 -22.15 -1.42 -13.74
C ASN B 335 -22.40 -2.20 -15.02
N LYS B 336 -21.88 -1.74 -16.15
CA LYS B 336 -22.14 -2.41 -17.42
C LYS B 336 -21.69 -3.86 -17.37
N ASN B 337 -20.46 -4.12 -16.94
CA ASN B 337 -19.92 -5.46 -16.82
C ASN B 337 -19.69 -5.76 -15.35
N SER B 338 -20.76 -6.13 -14.65
CA SER B 338 -20.63 -6.46 -13.23
C SER B 338 -19.96 -7.82 -13.04
N SER B 339 -20.19 -8.75 -13.97
CA SER B 339 -19.55 -10.06 -13.85
C SER B 339 -18.06 -10.00 -14.11
N TYR B 340 -17.58 -8.94 -14.77
CA TYR B 340 -16.18 -8.88 -15.18
C TYR B 340 -15.24 -8.47 -14.04
N PHE B 341 -15.78 -7.98 -12.93
CA PHE B 341 -14.96 -7.61 -11.79
C PHE B 341 -15.26 -8.52 -10.61
N VAL B 342 -14.28 -8.65 -9.71
CA VAL B 342 -14.48 -9.47 -8.52
C VAL B 342 -15.44 -8.77 -7.56
N GLU B 343 -15.93 -9.52 -6.59
CA GLU B 343 -16.95 -8.99 -5.69
C GLU B 343 -16.33 -8.25 -4.51
N TRP B 344 -15.24 -8.77 -3.96
CA TRP B 344 -14.69 -8.20 -2.72
C TRP B 344 -13.92 -6.91 -2.94
N ILE B 345 -13.82 -6.43 -4.18
CA ILE B 345 -13.24 -5.12 -4.43
C ILE B 345 -14.32 -4.24 -5.04
N PRO B 346 -14.83 -3.25 -4.31
CA PRO B 346 -15.95 -2.45 -4.85
C PRO B 346 -15.54 -1.56 -6.00
N ASN B 347 -14.40 -0.89 -5.88
CA ASN B 347 -13.92 0.01 -6.93
C ASN B 347 -12.68 -0.62 -7.54
N ASN B 348 -12.83 -1.14 -8.75
CA ASN B 348 -11.75 -1.76 -9.49
C ASN B 348 -10.90 -0.74 -10.24
N VAL B 349 -11.28 0.54 -10.22
CA VAL B 349 -10.66 1.57 -11.03
C VAL B 349 -9.64 2.34 -10.19
N LYS B 350 -8.56 2.76 -10.85
CA LYS B 350 -7.56 3.66 -10.26
C LYS B 350 -7.30 4.79 -11.24
N THR B 351 -7.79 5.98 -10.92
CA THR B 351 -7.70 7.11 -11.82
C THR B 351 -6.46 7.96 -11.55
N ALA B 352 -5.88 8.49 -12.62
CA ALA B 352 -4.71 9.36 -12.52
C ALA B 352 -4.73 10.35 -13.68
N VAL B 353 -4.86 11.62 -13.36
CA VAL B 353 -5.07 12.66 -14.37
C VAL B 353 -3.82 13.53 -14.42
N CYS B 354 -2.97 13.29 -15.41
CA CYS B 354 -1.82 14.16 -15.66
C CYS B 354 -2.26 15.30 -16.59
N ASP B 355 -1.84 16.51 -16.25
CA ASP B 355 -2.39 17.68 -16.93
C ASP B 355 -1.96 17.75 -18.39
N ILE B 356 -0.70 17.52 -18.67
CA ILE B 356 -0.12 17.77 -19.99
C ILE B 356 -0.22 16.50 -20.82
N PRO B 357 -0.83 16.54 -22.00
CA PRO B 357 -0.83 15.38 -22.89
C PRO B 357 0.40 15.38 -23.77
N PRO B 358 0.66 14.32 -24.52
CA PRO B 358 1.75 14.35 -25.49
C PRO B 358 1.48 15.37 -26.59
N ARG B 359 2.51 15.62 -27.38
CA ARG B 359 2.42 16.60 -28.45
C ARG B 359 1.53 16.07 -29.58
N GLY B 360 0.89 16.99 -30.28
CA GLY B 360 0.03 16.62 -31.39
C GLY B 360 -1.38 16.30 -30.97
N LEU B 361 -1.54 15.31 -30.10
CA LEU B 361 -2.87 14.94 -29.62
C LEU B 361 -3.32 15.90 -28.53
N LYS B 362 -4.65 16.00 -28.37
CA LYS B 362 -5.23 16.78 -27.29
C LYS B 362 -5.71 15.92 -26.13
N MET B 363 -6.11 14.69 -26.40
CA MET B 363 -6.52 13.75 -25.36
C MET B 363 -5.79 12.45 -25.57
N SER B 364 -5.69 11.66 -24.50
CA SER B 364 -5.07 10.35 -24.59
C SER B 364 -5.41 9.55 -23.34
N ALA B 365 -5.16 8.24 -23.42
CA ALA B 365 -5.48 7.34 -22.33
C ALA B 365 -4.43 6.25 -22.24
N THR B 366 -4.01 5.93 -21.02
CA THR B 366 -3.01 4.91 -20.76
C THR B 366 -3.64 3.82 -19.90
N PHE B 367 -3.73 2.61 -20.44
CA PHE B 367 -4.38 1.52 -19.74
C PHE B 367 -3.37 0.69 -18.96
N ILE B 368 -3.69 0.41 -17.71
CA ILE B 368 -2.93 -0.49 -16.87
C ILE B 368 -3.92 -1.39 -16.13
N GLY B 369 -3.90 -2.67 -16.46
CA GLY B 369 -4.85 -3.59 -15.86
C GLY B 369 -4.28 -4.95 -15.53
N ASN B 370 -4.62 -5.47 -14.35
CA ASN B 370 -4.23 -6.80 -13.91
C ASN B 370 -5.51 -7.62 -13.77
N SER B 371 -5.77 -8.47 -14.76
CA SER B 371 -6.93 -9.35 -14.76
C SER B 371 -6.48 -10.79 -14.72
N THR B 372 -7.42 -11.68 -14.45
CA THR B 372 -7.13 -13.10 -14.42
C THR B 372 -6.85 -13.67 -15.81
N ALA B 373 -7.00 -12.87 -16.86
CA ALA B 373 -6.78 -13.36 -18.21
C ALA B 373 -5.34 -13.82 -18.43
N ILE B 374 -4.39 -13.35 -17.61
CA ILE B 374 -3.01 -13.74 -17.78
C ILE B 374 -2.81 -15.22 -17.51
N GLN B 375 -3.70 -15.85 -16.73
CA GLN B 375 -3.58 -17.28 -16.48
C GLN B 375 -3.56 -18.07 -17.78
N GLU B 376 -4.25 -17.58 -18.80
CA GLU B 376 -4.24 -18.26 -20.09
C GLU B 376 -2.89 -18.12 -20.78
N LEU B 377 -2.32 -16.91 -20.76
CA LEU B 377 -1.05 -16.67 -21.44
C LEU B 377 0.04 -17.62 -20.94
N PHE B 378 0.06 -17.89 -19.64
CA PHE B 378 1.05 -18.82 -19.12
C PHE B 378 0.69 -20.27 -19.37
N LYS B 379 -0.61 -20.58 -19.54
CA LYS B 379 -0.97 -21.94 -19.91
C LYS B 379 -0.40 -22.31 -21.28
N ARG B 380 -0.26 -21.33 -22.16
CA ARG B 380 0.36 -21.59 -23.45
C ARG B 380 1.80 -22.08 -23.28
N ILE B 381 2.55 -21.43 -22.40
CA ILE B 381 3.94 -21.81 -22.18
C ILE B 381 4.02 -23.15 -21.47
N SER B 382 3.17 -23.37 -20.47
CA SER B 382 3.30 -24.56 -19.63
C SER B 382 3.09 -25.83 -20.44
N GLU B 383 2.09 -25.85 -21.32
CA GLU B 383 1.81 -27.05 -22.10
C GLU B 383 2.98 -27.42 -22.99
N GLN B 384 3.49 -26.46 -23.76
CA GLN B 384 4.64 -26.73 -24.62
C GLN B 384 5.85 -27.13 -23.79
N PHE B 385 6.06 -26.48 -22.65
CA PHE B 385 7.20 -26.82 -21.80
C PHE B 385 7.11 -28.26 -21.31
N THR B 386 5.95 -28.64 -20.79
CA THR B 386 5.80 -30.00 -20.27
C THR B 386 5.86 -31.03 -21.38
N ALA B 387 5.31 -30.72 -22.55
CA ALA B 387 5.32 -31.67 -23.65
C ALA B 387 6.72 -31.95 -24.15
N MET B 388 7.52 -30.90 -24.34
CA MET B 388 8.90 -31.09 -24.76
C MET B 388 9.77 -31.63 -23.63
N PHE B 389 9.35 -31.44 -22.38
CA PHE B 389 10.15 -31.95 -21.27
C PHE B 389 10.05 -33.47 -21.15
N ARG B 390 8.90 -34.04 -21.53
CA ARG B 390 8.73 -35.48 -21.39
C ARG B 390 9.75 -36.24 -22.23
N ARG B 391 9.89 -35.87 -23.50
CA ARG B 391 10.90 -36.49 -24.35
C ARG B 391 12.31 -36.15 -23.91
N LYS B 392 12.47 -35.13 -23.06
CA LYS B 392 13.79 -34.64 -22.66
C LYS B 392 14.60 -34.24 -23.89
N ALA B 393 13.90 -33.71 -24.88
CA ALA B 393 14.53 -33.33 -26.15
C ALA B 393 15.31 -32.04 -25.97
N PHE B 394 16.50 -31.99 -26.57
CA PHE B 394 17.35 -30.80 -26.57
C PHE B 394 17.71 -30.36 -25.15
N LEU B 395 17.82 -31.34 -24.25
CA LEU B 395 18.32 -31.03 -22.91
C LEU B 395 19.85 -30.94 -22.89
N HIS B 396 20.53 -31.79 -23.65
CA HIS B 396 21.98 -31.76 -23.68
C HIS B 396 22.51 -30.42 -24.22
N TRP B 397 21.68 -29.66 -24.92
CA TRP B 397 22.03 -28.29 -25.23
C TRP B 397 22.09 -27.44 -23.97
N TYR B 398 21.30 -27.78 -22.96
CA TYR B 398 21.31 -27.08 -21.68
C TYR B 398 21.93 -27.88 -20.55
N THR B 399 21.91 -29.20 -20.64
CA THR B 399 22.37 -30.03 -19.53
C THR B 399 23.87 -29.87 -19.30
N GLY B 400 24.65 -29.75 -20.38
CA GLY B 400 26.08 -29.62 -20.26
C GLY B 400 26.53 -28.35 -19.60
N GLU B 401 25.70 -27.31 -19.60
CA GLU B 401 26.09 -26.03 -19.03
C GLU B 401 26.11 -26.04 -17.51
N GLY B 402 25.62 -27.08 -16.87
CA GLY B 402 25.63 -27.14 -15.42
C GLY B 402 24.30 -26.77 -14.79
N MET B 403 23.21 -27.26 -15.37
CA MET B 403 21.87 -27.04 -14.86
C MET B 403 21.24 -28.38 -14.53
N ASP B 404 20.92 -28.60 -13.26
CA ASP B 404 20.34 -29.85 -12.82
C ASP B 404 18.91 -29.98 -13.31
N GLU B 405 18.45 -31.23 -13.40
CA GLU B 405 17.08 -31.49 -13.83
C GLU B 405 16.08 -30.84 -12.87
N MET B 406 16.29 -30.99 -11.56
CA MET B 406 15.34 -30.49 -10.59
C MET B 406 15.14 -28.99 -10.68
N GLU B 407 16.10 -28.26 -11.26
CA GLU B 407 15.88 -26.85 -11.56
C GLU B 407 14.65 -26.69 -12.46
N PHE B 408 14.48 -27.59 -13.41
CA PHE B 408 13.28 -27.56 -14.23
C PHE B 408 12.05 -28.02 -13.47
N THR B 409 12.23 -28.94 -12.51
CA THR B 409 11.09 -29.51 -11.80
C THR B 409 10.31 -28.44 -11.05
N GLU B 410 11.00 -27.61 -10.27
CA GLU B 410 10.32 -26.52 -9.58
C GLU B 410 9.74 -25.52 -10.56
N ALA B 411 10.41 -25.31 -11.69
CA ALA B 411 9.91 -24.38 -12.70
C ALA B 411 8.52 -24.79 -13.18
N GLU B 412 8.22 -26.08 -13.17
CA GLU B 412 6.89 -26.53 -13.57
C GLU B 412 5.85 -26.17 -12.50
N SER B 413 6.02 -26.68 -11.28
CA SER B 413 5.01 -26.51 -10.25
C SER B 413 4.85 -25.05 -9.87
N ASN B 414 5.95 -24.33 -9.68
CA ASN B 414 5.87 -22.92 -9.29
C ASN B 414 5.19 -22.10 -10.36
N MET B 415 5.34 -22.50 -11.63
CA MET B 415 4.64 -21.81 -12.71
C MET B 415 3.13 -21.98 -12.57
N ASN B 416 2.65 -23.21 -12.56
CA ASN B 416 1.21 -23.47 -12.54
C ASN B 416 0.56 -22.98 -11.26
N ASP B 417 1.32 -22.89 -10.16
CA ASP B 417 0.76 -22.32 -8.93
C ASP B 417 0.33 -20.87 -9.15
N LEU B 418 1.17 -20.09 -9.85
CA LEU B 418 0.76 -18.74 -10.22
C LEU B 418 -0.49 -18.78 -11.10
N VAL B 419 -0.57 -19.76 -12.01
CA VAL B 419 -1.73 -19.88 -12.86
C VAL B 419 -2.95 -20.33 -12.06
N SER B 420 -2.75 -21.25 -11.11
CA SER B 420 -3.86 -21.73 -10.30
C SER B 420 -4.37 -20.66 -9.34
N GLU B 421 -3.55 -19.65 -9.02
CA GLU B 421 -3.99 -18.60 -8.11
C GLU B 421 -5.19 -17.85 -8.68
N TYR B 422 -5.12 -17.51 -9.97
CA TYR B 422 -6.20 -16.74 -10.57
C TYR B 422 -7.48 -17.55 -10.75
N GLN B 423 -7.38 -18.88 -10.73
CA GLN B 423 -8.58 -19.70 -10.86
C GLN B 423 -9.56 -19.43 -9.73
N GLN B 424 -9.06 -19.36 -8.49
CA GLN B 424 -9.93 -19.06 -7.37
C GLN B 424 -10.40 -17.62 -7.39
N TYR B 425 -9.49 -16.68 -7.64
CA TYR B 425 -9.84 -15.26 -7.61
C TYR B 425 -10.78 -14.89 -8.75
N GLN B 426 -10.81 -15.66 -9.83
CA GLN B 426 -11.73 -15.36 -10.93
C GLN B 426 -13.17 -15.64 -10.51
N ASP B 427 -13.50 -16.90 -10.25
CA ASP B 427 -14.83 -17.27 -9.78
C ASP B 427 -14.84 -18.68 -9.21
N GLN C 18 -6.10 -36.71 14.69
CA GLN C 18 -5.93 -36.05 13.41
C GLN C 18 -6.00 -34.53 13.57
N ASN C 19 -6.89 -34.08 14.45
CA ASN C 19 -7.03 -32.65 14.68
C ASN C 19 -5.78 -32.08 15.32
N ILE C 20 -5.42 -30.86 14.91
CA ILE C 20 -4.20 -30.23 15.41
C ILE C 20 -4.43 -29.74 16.83
N GLN C 21 -3.53 -30.15 17.73
CA GLN C 21 -3.60 -29.69 19.11
C GLN C 21 -3.15 -28.23 19.18
N VAL C 22 -3.95 -27.40 19.84
CA VAL C 22 -3.67 -25.97 19.95
C VAL C 22 -3.78 -25.59 21.42
N TYR C 23 -2.64 -25.31 22.05
CA TYR C 23 -2.60 -24.82 23.42
C TYR C 23 -2.14 -23.36 23.44
N VAL C 24 -2.25 -22.74 24.61
CA VAL C 24 -1.95 -21.32 24.75
C VAL C 24 -1.38 -21.08 26.14
N ARG C 25 -0.39 -20.19 26.20
CA ARG C 25 0.30 -19.85 27.45
C ARG C 25 0.25 -18.34 27.65
N VAL C 26 0.16 -17.92 28.91
CA VAL C 26 0.13 -16.51 29.27
C VAL C 26 1.39 -16.20 30.07
N ARG C 27 2.07 -15.13 29.71
CA ARG C 27 3.29 -14.73 30.39
C ARG C 27 2.98 -13.78 31.54
N PRO C 28 3.86 -13.67 32.51
CA PRO C 28 3.70 -12.65 33.55
C PRO C 28 4.02 -11.27 33.01
N LEU C 29 3.64 -10.25 33.79
CA LEU C 29 3.94 -8.88 33.43
C LEU C 29 5.45 -8.64 33.53
N ASN C 30 5.99 -7.97 32.51
CA ASN C 30 7.41 -7.68 32.49
C ASN C 30 7.69 -6.38 33.22
N SER C 31 8.94 -5.89 33.11
CA SER C 31 9.32 -4.66 33.76
C SER C 31 8.55 -3.47 33.20
N ARG C 32 8.58 -3.31 31.88
CA ARG C 32 7.84 -2.20 31.26
C ARG C 32 6.34 -2.32 31.52
N GLU C 33 5.82 -3.54 31.60
CA GLU C 33 4.43 -3.72 31.96
C GLU C 33 4.15 -3.23 33.37
N ARG C 34 5.16 -3.26 34.24
CA ARG C 34 5.05 -2.68 35.57
C ARG C 34 5.50 -1.23 35.61
N CYS C 35 6.36 -0.82 34.66
CA CYS C 35 6.78 0.58 34.60
C CYS C 35 5.69 1.46 34.00
N ILE C 36 5.01 0.98 32.97
CA ILE C 36 3.85 1.69 32.44
C ILE C 36 2.62 1.51 33.31
N ARG C 37 2.70 0.63 34.32
CA ARG C 37 1.58 0.35 35.23
C ARG C 37 0.40 -0.25 34.46
N SER C 38 0.64 -1.40 33.84
CA SER C 38 -0.37 -2.13 33.08
C SER C 38 -0.93 -3.27 33.93
N ALA C 39 -2.25 -3.30 34.07
CA ALA C 39 -2.90 -4.27 34.93
C ALA C 39 -3.25 -5.54 34.14
N GLU C 40 -3.53 -6.60 34.88
CA GLU C 40 -3.86 -7.90 34.29
C GLU C 40 -5.32 -7.92 33.85
N VAL C 41 -5.54 -8.13 32.55
CA VAL C 41 -6.90 -8.24 32.02
C VAL C 41 -7.23 -9.65 31.57
N VAL C 42 -6.24 -10.53 31.37
CA VAL C 42 -6.47 -11.88 30.90
C VAL C 42 -6.17 -12.85 32.04
N ASP C 43 -7.03 -13.85 32.19
CA ASP C 43 -6.85 -14.88 33.20
C ASP C 43 -7.04 -16.24 32.55
N VAL C 44 -6.63 -17.29 33.26
CA VAL C 44 -6.65 -18.65 32.74
C VAL C 44 -7.27 -19.58 33.77
N VAL C 45 -7.68 -20.75 33.28
CA VAL C 45 -8.11 -21.86 34.11
C VAL C 45 -7.42 -23.10 33.57
N GLY C 46 -6.54 -23.69 34.37
CA GLY C 46 -5.67 -24.75 33.93
C GLY C 46 -6.41 -25.99 33.45
N PRO C 47 -7.06 -26.70 34.37
CA PRO C 47 -7.76 -27.94 33.97
C PRO C 47 -8.90 -27.70 33.00
N ARG C 48 -9.68 -26.63 33.17
CA ARG C 48 -10.80 -26.36 32.29
C ARG C 48 -10.35 -25.89 30.91
N GLU C 49 -9.13 -25.37 30.79
CA GLU C 49 -8.55 -24.96 29.52
C GLU C 49 -9.34 -23.86 28.84
N VAL C 50 -10.03 -23.02 29.62
CA VAL C 50 -10.86 -21.94 29.11
C VAL C 50 -10.20 -20.64 29.54
N VAL C 51 -9.52 -19.98 28.60
CA VAL C 51 -8.87 -18.71 28.88
C VAL C 51 -9.89 -17.59 28.74
N THR C 52 -10.04 -16.78 29.77
CA THR C 52 -10.96 -15.65 29.77
C THR C 52 -10.16 -14.37 29.55
N ARG C 53 -10.54 -13.61 28.54
CA ARG C 53 -9.89 -12.35 28.20
C ARG C 53 -10.93 -11.28 27.95
N HIS C 54 -10.61 -10.05 28.30
CA HIS C 54 -11.54 -8.94 28.16
C HIS C 54 -10.75 -7.64 28.20
N THR C 55 -11.46 -6.52 28.13
CA THR C 55 -10.86 -5.19 28.17
C THR C 55 -10.58 -4.79 29.61
N LEU C 56 -10.28 -3.50 29.82
CA LEU C 56 -9.99 -3.00 31.16
C LEU C 56 -11.15 -3.23 32.10
N ASP C 57 -12.29 -2.61 31.83
CA ASP C 57 -13.47 -2.81 32.66
C ASP C 57 -14.06 -4.19 32.40
N SER C 58 -14.09 -5.02 33.44
CA SER C 58 -14.56 -6.40 33.32
C SER C 58 -16.08 -6.41 33.19
N LYS C 59 -16.53 -6.06 31.98
CA LYS C 59 -17.95 -6.03 31.65
C LYS C 59 -18.32 -7.13 30.67
N LEU C 60 -17.70 -7.15 29.49
CA LEU C 60 -17.90 -8.20 28.50
C LEU C 60 -16.60 -8.95 28.30
N THR C 61 -16.71 -10.27 28.18
CA THR C 61 -15.54 -11.12 28.09
C THR C 61 -15.77 -12.20 27.04
N LYS C 62 -14.71 -12.52 26.29
CA LYS C 62 -14.76 -13.55 25.27
C LYS C 62 -14.24 -14.87 25.83
N LYS C 63 -14.72 -15.97 25.25
CA LYS C 63 -14.40 -17.31 25.72
C LYS C 63 -13.63 -18.05 24.64
N PHE C 64 -12.44 -18.52 24.97
CA PHE C 64 -11.58 -19.26 24.06
C PHE C 64 -11.33 -20.64 24.62
N THR C 65 -11.74 -21.66 23.88
CA THR C 65 -11.52 -23.05 24.27
C THR C 65 -10.35 -23.64 23.50
N PHE C 66 -9.43 -24.26 24.22
CA PHE C 66 -8.25 -24.88 23.63
C PHE C 66 -8.04 -26.25 24.27
N ASP C 67 -7.02 -26.95 23.81
CA ASP C 67 -6.68 -28.24 24.40
C ASP C 67 -6.17 -28.07 25.82
N ARG C 68 -5.37 -27.03 26.05
CA ARG C 68 -4.82 -26.77 27.37
C ARG C 68 -4.63 -25.27 27.55
N SER C 69 -4.60 -24.86 28.81
CA SER C 69 -4.27 -23.49 29.20
C SER C 69 -3.02 -23.50 30.07
N PHE C 70 -2.33 -22.37 30.13
CA PHE C 70 -1.10 -22.25 30.90
C PHE C 70 -1.05 -20.88 31.55
N GLY C 71 -0.96 -20.86 32.88
CA GLY C 71 -0.85 -19.62 33.60
C GLY C 71 0.57 -19.09 33.59
N PRO C 72 0.74 -17.91 34.19
CA PRO C 72 2.08 -17.30 34.19
C PRO C 72 3.08 -18.01 35.08
N GLU C 73 2.62 -18.70 36.11
CA GLU C 73 3.54 -19.35 37.05
C GLU C 73 3.96 -20.75 36.62
N SER C 74 3.38 -21.28 35.55
CA SER C 74 3.78 -22.59 35.06
C SER C 74 5.24 -22.58 34.61
N LYS C 75 5.88 -23.74 34.65
CA LYS C 75 7.29 -23.88 34.33
C LYS C 75 7.46 -24.31 32.87
N GLN C 76 8.71 -24.35 32.44
CA GLN C 76 8.98 -24.77 31.06
C GLN C 76 8.79 -26.26 30.89
N CYS C 77 9.30 -27.06 31.83
CA CYS C 77 9.12 -28.51 31.76
C CYS C 77 7.66 -28.92 31.91
N ASP C 78 6.85 -28.10 32.60
CA ASP C 78 5.44 -28.43 32.73
C ASP C 78 4.74 -28.37 31.37
N VAL C 79 4.96 -27.30 30.62
CA VAL C 79 4.40 -27.20 29.27
C VAL C 79 4.99 -28.29 28.39
N TYR C 80 6.27 -28.62 28.60
CA TYR C 80 6.88 -29.72 27.87
C TYR C 80 6.21 -31.04 28.24
N SER C 81 5.85 -31.21 29.51
CA SER C 81 5.24 -32.46 29.95
C SER C 81 3.83 -32.61 29.40
N VAL C 82 3.09 -31.52 29.29
CA VAL C 82 1.67 -31.59 28.95
C VAL C 82 1.49 -31.87 27.47
N VAL C 83 2.04 -31.00 26.61
CA VAL C 83 1.83 -31.10 25.18
C VAL C 83 2.99 -31.77 24.47
N VAL C 84 4.21 -31.33 24.75
CA VAL C 84 5.37 -31.77 23.97
C VAL C 84 5.74 -33.21 24.29
N SER C 85 5.61 -33.61 25.56
CA SER C 85 6.05 -34.94 25.98
C SER C 85 5.22 -36.07 25.35
N PRO C 86 3.89 -35.97 25.29
CA PRO C 86 3.14 -37.06 24.63
C PRO C 86 3.46 -37.22 23.16
N LEU C 87 3.94 -36.16 22.50
CA LEU C 87 4.34 -36.28 21.10
C LEU C 87 5.74 -36.84 20.92
N ILE C 88 6.54 -36.92 21.98
CA ILE C 88 7.89 -37.48 21.85
C ILE C 88 7.82 -38.97 21.54
N GLU C 89 6.89 -39.68 22.17
CA GLU C 89 6.84 -41.13 22.01
C GLU C 89 6.23 -41.53 20.67
N GLU C 90 5.38 -40.68 20.09
CA GLU C 90 4.73 -41.02 18.83
C GLU C 90 5.66 -40.85 17.62
N VAL C 91 6.86 -40.29 17.83
CA VAL C 91 7.78 -40.08 16.72
C VAL C 91 8.26 -41.40 16.15
N LEU C 92 8.42 -42.43 16.99
CA LEU C 92 9.02 -43.68 16.55
C LEU C 92 8.13 -44.47 15.61
N ASN C 93 6.83 -44.15 15.55
CA ASN C 93 5.94 -44.84 14.63
C ASN C 93 6.18 -44.47 13.17
N GLY C 94 7.04 -43.49 12.91
CA GLY C 94 7.32 -43.06 11.57
C GLY C 94 6.53 -41.86 11.11
N TYR C 95 6.04 -41.03 12.03
CA TYR C 95 5.24 -39.86 11.69
C TYR C 95 6.00 -38.59 12.04
N ASN C 96 5.63 -37.51 11.36
CA ASN C 96 6.25 -36.22 11.60
C ASN C 96 5.49 -35.43 12.65
N CYS C 97 6.21 -34.57 13.37
CA CYS C 97 5.61 -33.68 14.34
C CYS C 97 6.28 -32.32 14.24
N THR C 98 5.55 -31.29 14.67
CA THR C 98 6.01 -29.92 14.57
C THR C 98 5.24 -29.07 15.56
N VAL C 99 5.95 -28.12 16.17
CA VAL C 99 5.32 -27.17 17.09
C VAL C 99 6.12 -25.88 17.08
N PHE C 100 5.41 -24.76 17.12
CA PHE C 100 6.03 -23.45 17.06
C PHE C 100 5.18 -22.45 17.81
N ALA C 101 5.85 -21.48 18.43
CA ALA C 101 5.17 -20.35 19.05
C ALA C 101 5.26 -19.13 18.16
N TYR C 102 4.20 -18.33 18.15
CA TYR C 102 4.14 -17.13 17.35
C TYR C 102 3.20 -16.15 18.02
N GLY C 103 3.48 -14.86 17.86
CA GLY C 103 2.64 -13.84 18.45
C GLY C 103 3.37 -12.51 18.52
N GLN C 104 2.90 -11.66 19.43
CA GLN C 104 3.48 -10.34 19.59
C GLN C 104 4.90 -10.45 20.15
N THR C 105 5.68 -9.39 19.92
CA THR C 105 7.05 -9.38 20.41
C THR C 105 7.08 -9.42 21.93
N GLY C 106 8.07 -10.11 22.47
CA GLY C 106 8.23 -10.17 23.90
C GLY C 106 7.19 -10.99 24.64
N THR C 107 6.41 -11.80 23.93
CA THR C 107 5.44 -12.65 24.62
C THR C 107 6.12 -13.84 25.28
N GLY C 108 7.35 -14.15 24.89
CA GLY C 108 8.12 -15.19 25.53
C GLY C 108 8.27 -16.45 24.70
N LYS C 109 8.18 -16.31 23.39
CA LYS C 109 8.27 -17.48 22.52
C LYS C 109 9.67 -18.08 22.55
N THR C 110 10.69 -17.24 22.39
CA THR C 110 12.06 -17.73 22.34
C THR C 110 12.44 -18.42 23.64
N HIS C 111 11.97 -17.90 24.78
CA HIS C 111 12.27 -18.54 26.05
C HIS C 111 11.49 -19.83 26.21
N THR C 112 10.26 -19.88 25.69
CA THR C 112 9.44 -21.08 25.85
C THR C 112 10.00 -22.24 25.05
N MET C 113 10.30 -22.02 23.77
CA MET C 113 10.73 -23.12 22.91
C MET C 113 12.17 -23.51 23.20
N VAL C 114 13.08 -22.53 23.29
CA VAL C 114 14.50 -22.82 23.39
C VAL C 114 14.95 -22.78 24.83
N GLY C 115 14.55 -21.74 25.55
CA GLY C 115 15.02 -21.55 26.91
C GLY C 115 16.22 -20.64 26.98
N ASN C 116 16.31 -19.87 28.07
CA ASN C 116 17.34 -18.86 28.18
C ASN C 116 18.70 -19.47 28.48
N GLU C 117 18.79 -20.28 29.53
CA GLU C 117 20.04 -20.92 29.90
C GLU C 117 19.83 -22.43 29.99
N THR C 118 20.81 -23.18 29.50
CA THR C 118 20.74 -24.64 29.50
C THR C 118 20.78 -25.20 30.91
N TRP C 125 19.99 -31.42 32.15
CA TRP C 125 20.04 -32.87 32.01
C TRP C 125 18.67 -33.49 32.24
N GLU C 126 18.04 -33.13 33.35
CA GLU C 126 16.73 -33.68 33.71
C GLU C 126 15.62 -32.78 33.18
N ASP C 127 14.41 -33.32 33.18
CA ASP C 127 13.23 -32.58 32.75
C ASP C 127 12.52 -32.01 33.98
N ASP C 128 13.27 -31.18 34.72
CA ASP C 128 12.77 -30.63 35.97
C ASP C 128 12.96 -29.13 36.07
N SER C 129 14.11 -28.63 35.62
CA SER C 129 14.47 -27.23 35.81
C SER C 129 13.79 -26.36 34.77
N ASP C 130 14.19 -25.09 34.70
CA ASP C 130 13.63 -24.13 33.74
C ASP C 130 14.23 -24.26 32.35
N ILE C 131 14.90 -25.39 32.07
CA ILE C 131 15.52 -25.59 30.77
C ILE C 131 14.44 -25.65 29.69
N GLY C 132 14.78 -25.17 28.50
CA GLY C 132 13.82 -25.06 27.42
C GLY C 132 13.35 -26.41 26.89
N ILE C 133 12.63 -26.34 25.77
CA ILE C 133 12.03 -27.55 25.21
C ILE C 133 13.07 -28.35 24.42
N ILE C 134 13.90 -27.66 23.65
CA ILE C 134 14.80 -28.32 22.70
C ILE C 134 15.85 -29.16 23.44
N PRO C 135 16.64 -28.60 24.38
CA PRO C 135 17.60 -29.45 25.08
C PRO C 135 16.93 -30.45 26.00
N ARG C 136 15.71 -30.17 26.45
CA ARG C 136 14.95 -31.20 27.18
C ARG C 136 14.53 -32.32 26.25
N ALA C 137 14.20 -31.98 25.00
CA ALA C 137 13.81 -33.02 24.04
C ALA C 137 14.98 -33.96 23.76
N LEU C 138 16.20 -33.41 23.65
CA LEU C 138 17.36 -34.24 23.41
C LEU C 138 17.65 -35.15 24.60
N SER C 139 17.51 -34.63 25.82
CA SER C 139 17.73 -35.45 27.00
C SER C 139 16.63 -36.50 27.13
N HIS C 140 15.38 -36.11 26.88
CA HIS C 140 14.26 -37.02 27.08
C HIS C 140 14.20 -38.09 25.98
N LEU C 141 14.37 -37.68 24.72
CA LEU C 141 14.30 -38.64 23.62
C LEU C 141 15.47 -39.63 23.63
N PHE C 142 16.64 -39.20 24.10
CA PHE C 142 17.81 -40.06 24.07
C PHE C 142 17.58 -41.35 24.85
N ASP C 143 16.91 -41.25 26.00
CA ASP C 143 16.56 -42.47 26.73
C ASP C 143 15.48 -43.26 26.01
N GLU C 144 14.59 -42.56 25.29
CA GLU C 144 13.53 -43.26 24.56
C GLU C 144 14.10 -44.20 23.52
N LEU C 145 15.12 -43.75 22.77
CA LEU C 145 15.77 -44.63 21.81
C LEU C 145 16.58 -45.71 22.50
N ARG C 146 17.26 -45.36 23.59
CA ARG C 146 18.08 -46.34 24.29
C ARG C 146 17.22 -47.41 24.96
N MET C 147 15.99 -47.06 25.35
CA MET C 147 15.09 -48.04 25.93
C MET C 147 14.71 -49.11 24.92
N MET C 148 14.54 -48.75 23.65
CA MET C 148 14.21 -49.74 22.63
C MET C 148 15.43 -50.54 22.20
N GLU C 149 16.64 -49.97 22.33
CA GLU C 149 17.87 -50.58 21.85
C GLU C 149 17.81 -50.81 20.34
N VAL C 150 17.41 -49.79 19.60
CA VAL C 150 17.27 -49.87 18.17
C VAL C 150 18.49 -49.23 17.51
N GLU C 151 18.70 -49.54 16.24
CA GLU C 151 19.76 -48.91 15.46
C GLU C 151 19.25 -47.58 14.93
N TYR C 152 19.96 -46.50 15.25
CA TYR C 152 19.49 -45.16 14.95
C TYR C 152 20.64 -44.32 14.38
N THR C 153 20.27 -43.35 13.55
CA THR C 153 21.20 -42.34 13.05
C THR C 153 20.51 -41.00 13.21
N MET C 154 20.79 -40.31 14.31
CA MET C 154 20.14 -39.05 14.64
C MET C 154 21.03 -37.89 14.22
N ARG C 155 20.42 -36.89 13.60
CA ARG C 155 21.10 -35.67 13.19
C ARG C 155 20.22 -34.48 13.51
N ILE C 156 20.81 -33.29 13.43
CA ILE C 156 20.14 -32.06 13.80
C ILE C 156 20.31 -31.04 12.68
N SER C 157 19.67 -29.89 12.84
CA SER C 157 19.71 -28.84 11.83
C SER C 157 19.38 -27.51 12.48
N TYR C 158 20.26 -26.53 12.32
CA TYR C 158 20.06 -25.19 12.88
C TYR C 158 20.19 -24.17 11.77
N LEU C 159 19.08 -23.51 11.45
CA LEU C 159 19.06 -22.51 10.40
C LEU C 159 18.14 -21.37 10.81
N GLU C 160 18.48 -20.16 10.35
CA GLU C 160 17.66 -18.99 10.64
C GLU C 160 17.33 -18.27 9.33
N LEU C 161 16.08 -17.85 9.21
CA LEU C 161 15.59 -17.14 8.02
C LEU C 161 15.64 -15.65 8.31
N TYR C 162 16.66 -14.97 7.80
CA TYR C 162 16.88 -13.56 8.04
C TYR C 162 16.88 -12.84 6.70
N ASN C 163 15.89 -11.96 6.49
CA ASN C 163 15.78 -11.18 5.27
C ASN C 163 15.76 -12.07 4.03
N GLU C 164 14.88 -13.08 4.03
CA GLU C 164 14.70 -13.97 2.89
C GLU C 164 16.02 -14.63 2.48
N GLU C 165 16.83 -14.98 3.48
CA GLU C 165 18.08 -15.69 3.26
C GLU C 165 18.15 -16.86 4.22
N LEU C 166 18.77 -17.94 3.75
CA LEU C 166 18.92 -19.15 4.55
C LEU C 166 20.37 -19.25 5.02
N CYS C 167 20.56 -19.31 6.35
CA CYS C 167 21.88 -19.42 6.95
C CYS C 167 21.89 -20.62 7.88
N ASP C 168 22.75 -21.59 7.58
CA ASP C 168 22.88 -22.78 8.41
C ASP C 168 23.76 -22.46 9.62
N LEU C 169 23.17 -22.46 10.80
CA LEU C 169 23.96 -22.26 12.01
C LEU C 169 24.89 -23.43 12.28
N LEU C 170 24.38 -24.66 12.14
CA LEU C 170 25.18 -25.83 12.46
C LEU C 170 26.34 -25.99 11.50
N SER C 171 26.16 -25.62 10.24
CA SER C 171 27.21 -25.75 9.26
C SER C 171 28.42 -24.89 9.63
N THR C 172 29.59 -25.34 9.19
CA THR C 172 30.82 -24.62 9.48
C THR C 172 31.00 -23.42 8.55
N ASP C 173 30.77 -23.62 7.26
CA ASP C 173 31.09 -22.62 6.24
C ASP C 173 29.86 -21.86 5.77
N ASP C 174 28.80 -22.56 5.38
CA ASP C 174 27.51 -22.01 4.98
C ASP C 174 27.62 -20.89 3.95
N THR C 175 28.77 -20.75 3.29
CA THR C 175 28.92 -19.76 2.22
C THR C 175 28.13 -20.14 0.99
N THR C 176 27.75 -21.41 0.83
CA THR C 176 27.01 -21.83 -0.34
C THR C 176 25.58 -21.30 -0.30
N LYS C 177 25.11 -20.84 -1.46
CA LYS C 177 23.77 -20.25 -1.55
C LYS C 177 22.74 -21.35 -1.33
N ILE C 178 22.11 -21.33 -0.16
CA ILE C 178 21.14 -22.36 0.20
C ILE C 178 19.82 -22.04 -0.50
N ARG C 179 19.32 -22.99 -1.27
CA ARG C 179 18.03 -22.90 -1.92
C ARG C 179 17.09 -23.94 -1.35
N ILE C 180 15.83 -23.89 -1.78
CA ILE C 180 14.80 -24.84 -1.35
C ILE C 180 14.12 -25.37 -2.60
N PHE C 181 14.21 -26.68 -2.82
CA PHE C 181 13.64 -27.32 -3.99
C PHE C 181 12.52 -28.27 -3.56
N ASP C 182 11.61 -28.54 -4.49
CA ASP C 182 10.57 -29.51 -4.24
C ASP C 182 11.09 -30.93 -4.50
N ASP C 183 10.24 -31.91 -4.26
CA ASP C 183 10.60 -33.31 -4.43
C ASP C 183 9.54 -34.02 -5.26
N SER C 184 9.98 -35.05 -5.98
CA SER C 184 9.05 -35.82 -6.81
C SER C 184 8.29 -36.83 -5.96
N THR C 185 9.01 -37.57 -5.11
CA THR C 185 8.37 -38.58 -4.27
C THR C 185 7.58 -37.95 -3.15
N LYS C 186 8.26 -37.24 -2.25
CA LYS C 186 7.60 -36.57 -1.14
C LYS C 186 6.96 -35.29 -1.65
N LYS C 187 5.63 -35.27 -1.69
CA LYS C 187 4.91 -34.13 -2.24
C LYS C 187 4.98 -32.93 -1.30
N GLY C 188 4.72 -33.16 -0.02
CA GLY C 188 4.75 -32.06 0.93
C GLY C 188 6.13 -31.57 1.27
N SER C 189 7.11 -32.48 1.30
CA SER C 189 8.45 -32.13 1.75
C SER C 189 9.17 -31.29 0.70
N VAL C 190 10.33 -30.76 1.11
CA VAL C 190 11.18 -29.95 0.26
C VAL C 190 12.62 -30.34 0.53
N ILE C 191 13.43 -30.37 -0.52
CA ILE C 191 14.82 -30.77 -0.42
C ILE C 191 15.68 -29.55 -0.13
N ILE C 192 16.59 -29.69 0.83
CA ILE C 192 17.51 -28.62 1.20
C ILE C 192 18.93 -29.09 0.90
N GLN C 193 19.72 -28.22 0.27
CA GLN C 193 21.10 -28.51 -0.05
C GLN C 193 22.03 -27.81 0.93
N GLY C 194 23.08 -28.50 1.35
CA GLY C 194 24.07 -27.91 2.23
C GLY C 194 23.80 -28.05 3.71
N LEU C 195 22.85 -28.89 4.10
CA LEU C 195 22.55 -29.10 5.51
C LEU C 195 23.46 -30.20 6.06
N GLU C 196 24.47 -29.79 6.84
CA GLU C 196 25.41 -30.76 7.41
C GLU C 196 24.71 -31.53 8.51
N GLU C 197 24.35 -32.79 8.23
CA GLU C 197 23.66 -33.64 9.20
C GLU C 197 24.71 -34.35 10.03
N ILE C 198 25.09 -33.72 11.14
CA ILE C 198 26.11 -34.30 12.02
C ILE C 198 25.46 -35.41 12.85
N PRO C 199 26.05 -36.60 12.90
CA PRO C 199 25.48 -37.66 13.74
C PRO C 199 25.74 -37.37 15.22
N VAL C 200 24.81 -37.80 16.05
CA VAL C 200 24.89 -37.58 17.49
C VAL C 200 24.63 -38.90 18.21
N HIS C 201 25.55 -39.27 19.10
CA HIS C 201 25.37 -40.41 19.98
C HIS C 201 25.48 -40.05 21.45
N SER C 202 25.93 -38.84 21.79
CA SER C 202 26.07 -38.42 23.17
C SER C 202 25.55 -37.00 23.31
N LYS C 203 24.95 -36.73 24.47
CA LYS C 203 24.36 -35.42 24.72
C LYS C 203 25.41 -34.32 24.81
N ASP C 204 26.64 -34.67 25.21
CA ASP C 204 27.69 -33.65 25.31
C ASP C 204 28.01 -33.05 23.95
N ASP C 205 28.04 -33.90 22.91
CA ASP C 205 28.38 -33.40 21.58
C ASP C 205 27.31 -32.46 21.05
N VAL C 206 26.04 -32.70 21.38
CA VAL C 206 24.97 -31.85 20.86
C VAL C 206 24.99 -30.49 21.54
N TYR C 207 25.30 -30.44 22.84
CA TYR C 207 25.22 -29.18 23.56
C TYR C 207 26.32 -28.20 23.14
N LYS C 208 27.49 -28.70 22.75
CA LYS C 208 28.57 -27.80 22.37
C LYS C 208 28.28 -27.06 21.07
N LEU C 209 27.61 -27.72 20.14
CA LEU C 209 27.27 -27.07 18.87
C LEU C 209 26.00 -26.22 19.00
N LEU C 210 25.01 -26.72 19.73
CA LEU C 210 23.74 -26.01 19.85
C LEU C 210 23.93 -24.66 20.52
N GLU C 211 24.80 -24.60 21.54
CA GLU C 211 25.08 -23.32 22.18
C GLU C 211 25.76 -22.36 21.21
N LYS C 212 26.55 -22.88 20.27
CA LYS C 212 27.06 -22.05 19.20
C LYS C 212 25.94 -21.60 18.27
N GLY C 213 24.91 -22.44 18.12
CA GLY C 213 23.79 -22.07 17.28
C GLY C 213 23.06 -20.83 17.79
N LYS C 214 22.75 -20.82 19.09
CA LYS C 214 22.17 -19.61 19.68
C LYS C 214 23.22 -18.50 19.81
N GLU C 215 24.50 -18.86 19.83
CA GLU C 215 25.53 -17.85 19.67
C GLU C 215 25.56 -17.32 18.25
N ARG C 216 25.25 -18.16 17.27
CA ARG C 216 25.14 -17.74 15.88
C ARG C 216 23.78 -17.13 15.57
N ARG C 217 22.81 -17.27 16.47
CA ARG C 217 21.49 -16.71 16.24
C ARG C 217 21.54 -15.19 16.24
N LYS C 218 21.10 -14.59 15.14
CA LYS C 218 21.15 -13.15 14.98
C LYS C 218 20.11 -12.48 15.88
N THR C 219 20.56 -11.70 16.85
CA THR C 219 19.70 -11.04 17.81
C THR C 219 20.16 -9.62 18.02
N ALA C 220 19.21 -8.72 18.28
CA ALA C 220 19.51 -7.33 18.57
C ALA C 220 18.69 -6.89 19.77
N THR C 221 19.03 -5.72 20.31
CA THR C 221 18.36 -5.19 21.48
C THR C 221 17.23 -4.25 21.07
N THR C 222 16.04 -4.50 21.59
CA THR C 222 14.88 -3.65 21.37
C THR C 222 14.35 -3.17 22.71
N LEU C 223 13.58 -2.07 22.67
CA LEU C 223 12.95 -1.59 23.89
C LEU C 223 11.88 -2.57 24.36
N MET C 224 11.27 -3.32 23.44
CA MET C 224 10.36 -4.37 23.84
C MET C 224 11.10 -5.54 24.47
N ASN C 225 12.22 -5.94 23.87
CA ASN C 225 13.02 -7.04 24.39
C ASN C 225 14.46 -6.84 23.95
N ALA C 226 15.38 -6.83 24.92
CA ALA C 226 16.79 -6.70 24.61
C ALA C 226 17.36 -7.94 23.95
N GLN C 227 16.64 -9.07 24.03
CA GLN C 227 17.05 -10.31 23.39
C GLN C 227 15.94 -10.75 22.43
N SER C 228 15.40 -9.78 21.70
CA SER C 228 14.34 -10.04 20.76
C SER C 228 14.90 -10.76 19.54
N SER C 229 14.27 -11.87 19.17
CA SER C 229 14.68 -12.59 17.98
C SER C 229 14.53 -11.70 16.75
N ARG C 230 15.41 -11.91 15.78
CA ARG C 230 15.44 -11.09 14.57
C ARG C 230 15.36 -11.94 13.32
N SER C 231 14.93 -13.19 13.46
CA SER C 231 14.91 -14.11 12.33
C SER C 231 14.09 -15.34 12.72
N HIS C 232 13.55 -16.00 11.70
CA HIS C 232 12.85 -17.26 11.91
C HIS C 232 13.84 -18.39 12.04
N THR C 233 13.88 -19.03 13.20
CA THR C 233 14.79 -20.14 13.47
C THR C 233 13.98 -21.43 13.46
N VAL C 234 14.01 -22.12 12.33
CA VAL C 234 13.28 -23.37 12.14
C VAL C 234 14.26 -24.50 12.45
N PHE C 235 14.17 -25.05 13.66
CA PHE C 235 15.09 -26.09 14.12
C PHE C 235 14.41 -27.45 13.99
N SER C 236 14.74 -28.16 12.92
CA SER C 236 14.16 -29.47 12.67
C SER C 236 15.06 -30.58 13.20
N ILE C 237 14.46 -31.73 13.48
CA ILE C 237 15.16 -32.89 14.00
C ILE C 237 14.73 -34.12 13.21
N VAL C 238 15.70 -34.91 12.77
CA VAL C 238 15.46 -36.09 11.95
C VAL C 238 16.32 -37.23 12.47
N VAL C 239 15.75 -38.42 12.53
CA VAL C 239 16.47 -39.62 12.96
C VAL C 239 15.88 -40.83 12.24
N HIS C 240 16.75 -41.71 11.79
CA HIS C 240 16.34 -42.94 11.12
C HIS C 240 16.20 -44.07 12.14
N ILE C 241 15.35 -45.04 11.82
CA ILE C 241 15.08 -46.19 12.68
C ILE C 241 15.24 -47.45 11.85
N ARG C 242 15.97 -48.42 12.39
CA ARG C 242 16.17 -49.70 11.72
C ARG C 242 16.33 -50.79 12.76
N GLU C 243 15.54 -51.85 12.65
CA GLU C 243 15.58 -52.96 13.60
C GLU C 243 15.34 -54.30 12.91
N ASP C 250 12.51 -56.32 8.66
CA ASP C 250 12.81 -54.98 9.16
C ASP C 250 12.12 -53.91 8.32
N MET C 251 11.39 -53.04 8.99
CA MET C 251 10.68 -51.93 8.34
C MET C 251 11.39 -50.64 8.73
N LEU C 252 12.13 -50.05 7.80
CA LEU C 252 12.93 -48.88 8.08
C LEU C 252 12.02 -47.67 8.26
N LYS C 253 12.33 -46.84 9.25
CA LYS C 253 11.51 -45.68 9.57
C LYS C 253 12.42 -44.47 9.80
N ILE C 254 11.91 -43.30 9.43
CA ILE C 254 12.62 -42.05 9.58
C ILE C 254 11.77 -41.15 10.47
N GLY C 255 12.27 -40.87 11.68
CA GLY C 255 11.55 -39.98 12.57
C GLY C 255 11.87 -38.53 12.25
N LYS C 256 10.84 -37.70 12.24
CA LYS C 256 10.98 -36.31 11.88
C LYS C 256 10.24 -35.45 12.88
N LEU C 257 10.92 -34.42 13.39
CA LEU C 257 10.35 -33.49 14.35
C LEU C 257 10.90 -32.11 14.06
N ASN C 258 10.02 -31.14 13.88
CA ASN C 258 10.41 -29.76 13.58
C ASN C 258 10.09 -28.90 14.79
N LEU C 259 11.12 -28.63 15.60
CA LEU C 259 10.99 -27.71 16.74
C LEU C 259 11.22 -26.30 16.21
N VAL C 260 10.15 -25.67 15.75
CA VAL C 260 10.25 -24.39 15.07
C VAL C 260 10.15 -23.26 16.07
N ASP C 261 10.99 -22.25 15.89
CA ASP C 261 11.01 -21.06 16.75
C ASP C 261 10.92 -19.84 15.84
N LEU C 262 9.71 -19.34 15.67
CA LEU C 262 9.45 -18.23 14.76
C LEU C 262 9.80 -16.90 15.40
N ALA C 263 9.89 -15.88 14.57
CA ALA C 263 10.04 -14.52 15.08
C ALA C 263 8.68 -13.94 15.42
N GLY C 264 8.68 -13.01 16.37
CA GLY C 264 7.44 -12.43 16.83
C GLY C 264 7.02 -11.22 16.03
N SER C 265 5.72 -10.93 16.07
CA SER C 265 5.20 -9.74 15.42
C SER C 265 5.72 -8.51 16.15
N GLU C 266 6.15 -7.51 15.38
CA GLU C 266 6.86 -6.36 15.92
C GLU C 266 6.15 -5.09 15.48
N ASN C 267 5.50 -4.41 16.42
CA ASN C 267 4.93 -3.09 16.18
C ASN C 267 6.08 -2.12 16.01
N VAL C 268 6.32 -1.69 14.77
CA VAL C 268 7.56 -1.01 14.42
C VAL C 268 7.74 0.27 15.23
N SER C 269 6.64 0.91 15.64
CA SER C 269 6.77 2.09 16.48
C SER C 269 7.06 1.72 17.92
N LYS C 270 6.50 0.60 18.39
CA LYS C 270 6.63 0.26 19.81
C LYS C 270 8.04 -0.21 20.15
N ALA C 271 8.63 -1.06 19.31
CA ALA C 271 9.95 -1.60 19.61
C ALA C 271 11.00 -0.50 19.64
N GLY C 272 10.99 0.39 18.66
CA GLY C 272 11.88 1.53 18.67
C GLY C 272 13.14 1.30 17.88
N ASN C 273 13.24 1.90 16.70
CA ASN C 273 14.43 1.77 15.88
C ASN C 273 14.45 2.90 14.86
N GLU C 274 15.67 3.30 14.47
CA GLU C 274 15.84 4.39 13.53
C GLU C 274 16.83 4.01 12.43
N GLY C 276 16.34 2.48 9.58
CA GLY C 276 17.71 2.03 9.73
C GLY C 276 17.92 0.61 9.27
N ILE C 277 19.04 0.00 9.67
CA ILE C 277 19.31 -1.37 9.24
C ILE C 277 18.36 -2.34 9.92
N ARG C 278 18.01 -2.08 11.18
CA ARG C 278 17.04 -2.94 11.86
C ARG C 278 15.66 -2.86 11.23
N VAL C 279 15.29 -1.69 10.70
CA VAL C 279 13.94 -1.53 10.14
C VAL C 279 13.77 -2.39 8.90
N ARG C 280 14.85 -2.71 8.21
CA ARG C 280 14.75 -3.64 7.08
C ARG C 280 14.40 -5.03 7.57
N GLU C 281 14.89 -5.41 8.75
CA GLU C 281 14.56 -6.70 9.32
C GLU C 281 13.07 -6.78 9.66
N THR C 282 12.49 -5.67 10.14
CA THR C 282 11.09 -5.68 10.53
C THR C 282 10.18 -5.99 9.35
N VAL C 283 10.53 -5.49 8.17
CA VAL C 283 9.70 -5.70 6.99
C VAL C 283 9.55 -7.20 6.70
N ASN C 284 10.69 -7.88 6.53
CA ASN C 284 10.65 -9.30 6.18
C ASN C 284 9.99 -10.13 7.27
N ILE C 285 10.26 -9.82 8.53
CA ILE C 285 9.65 -10.59 9.61
C ILE C 285 8.14 -10.39 9.63
N ASN C 286 7.70 -9.13 9.54
CA ASN C 286 6.26 -8.86 9.62
C ASN C 286 5.54 -9.33 8.37
N GLN C 287 6.16 -9.18 7.20
CA GLN C 287 5.53 -9.64 5.98
C GLN C 287 5.42 -11.17 5.95
N SER C 288 6.28 -11.86 6.70
CA SER C 288 6.26 -13.31 6.71
C SER C 288 5.13 -13.85 7.55
N LEU C 289 4.90 -13.28 8.74
CA LEU C 289 3.82 -13.75 9.59
C LEU C 289 2.47 -13.54 8.93
N LEU C 290 2.32 -12.43 8.18
CA LEU C 290 1.06 -12.16 7.50
C LEU C 290 0.73 -13.24 6.49
N THR C 291 1.74 -13.79 5.82
CA THR C 291 1.49 -14.91 4.91
C THR C 291 1.07 -16.15 5.67
N LEU C 292 1.62 -16.35 6.85
CA LEU C 292 1.28 -17.53 7.65
C LEU C 292 -0.22 -17.57 7.95
N GLY C 293 -0.78 -16.44 8.37
CA GLY C 293 -2.18 -16.43 8.76
C GLY C 293 -3.11 -16.79 7.61
N ARG C 294 -2.81 -16.29 6.42
CA ARG C 294 -3.65 -16.59 5.27
C ARG C 294 -3.65 -18.08 4.95
N VAL C 295 -2.54 -18.76 5.24
CA VAL C 295 -2.49 -20.21 5.04
C VAL C 295 -3.57 -20.89 5.87
N ILE C 296 -3.74 -20.45 7.12
CA ILE C 296 -4.83 -20.96 7.92
C ILE C 296 -6.17 -20.50 7.37
N THR C 297 -6.23 -19.24 6.91
CA THR C 297 -7.49 -18.71 6.37
C THR C 297 -7.98 -19.53 5.19
N ALA C 298 -7.06 -19.91 4.30
CA ALA C 298 -7.46 -20.68 3.13
C ALA C 298 -7.81 -22.11 3.49
N LEU C 299 -7.06 -22.71 4.42
CA LEU C 299 -7.31 -24.10 4.78
C LEU C 299 -8.62 -24.26 5.55
N VAL C 300 -8.96 -23.30 6.40
CA VAL C 300 -10.22 -23.41 7.13
C VAL C 300 -11.40 -23.29 6.18
N ASP C 301 -11.39 -22.28 5.32
CA ASP C 301 -12.46 -22.10 4.35
C ASP C 301 -12.33 -23.03 3.15
N ARG C 302 -11.33 -23.92 3.13
CA ARG C 302 -11.20 -24.96 2.12
C ARG C 302 -11.12 -24.38 0.71
N ALA C 303 -10.11 -23.55 0.47
CA ALA C 303 -9.85 -23.11 -0.88
C ALA C 303 -9.27 -24.26 -1.70
N PRO C 304 -9.49 -24.26 -3.02
CA PRO C 304 -8.89 -25.32 -3.85
C PRO C 304 -7.38 -25.42 -3.68
N HIS C 305 -6.68 -24.30 -3.60
CA HIS C 305 -5.25 -24.31 -3.32
C HIS C 305 -4.89 -23.17 -2.37
N VAL C 306 -3.72 -23.30 -1.74
CA VAL C 306 -3.27 -22.37 -0.72
C VAL C 306 -1.94 -21.77 -1.15
N PRO C 307 -1.79 -20.45 -1.17
CA PRO C 307 -0.54 -19.85 -1.66
C PRO C 307 0.63 -20.00 -0.71
N TYR C 308 1.28 -21.15 -0.69
CA TYR C 308 2.51 -21.29 0.09
C TYR C 308 3.71 -20.68 -0.60
N ARG C 309 3.59 -20.37 -1.89
CA ARG C 309 4.75 -19.97 -2.69
C ARG C 309 5.23 -18.56 -2.39
N GLU C 310 4.45 -17.75 -1.68
CA GLU C 310 4.85 -16.37 -1.49
C GLU C 310 5.88 -16.18 -0.39
N SER C 311 6.13 -17.19 0.43
CA SER C 311 7.13 -17.08 1.48
C SER C 311 7.92 -18.38 1.57
N LYS C 312 9.23 -18.24 1.80
CA LYS C 312 10.05 -19.41 2.08
C LYS C 312 9.59 -20.08 3.37
N LEU C 313 9.16 -19.29 4.34
CA LEU C 313 8.67 -19.83 5.60
C LEU C 313 7.44 -20.71 5.39
N THR C 314 6.52 -20.26 4.53
CA THR C 314 5.32 -21.05 4.27
C THR C 314 5.65 -22.40 3.65
N ARG C 315 6.64 -22.45 2.76
CA ARG C 315 7.01 -23.72 2.15
C ARG C 315 7.69 -24.65 3.15
N LEU C 316 8.32 -24.08 4.18
CA LEU C 316 8.94 -24.92 5.20
C LEU C 316 7.89 -25.66 6.02
N LEU C 317 6.77 -25.00 6.31
CA LEU C 317 5.66 -25.60 7.05
C LEU C 317 4.52 -26.03 6.13
N GLN C 318 4.79 -26.14 4.83
CA GLN C 318 3.73 -26.50 3.89
C GLN C 318 3.23 -27.92 4.16
N GLU C 319 4.15 -28.87 4.29
CA GLU C 319 3.75 -30.23 4.66
C GLU C 319 3.15 -30.25 6.06
N SER C 320 3.65 -29.40 6.95
CA SER C 320 3.16 -29.39 8.32
C SER C 320 1.70 -28.94 8.40
N LEU C 321 1.29 -28.07 7.48
CA LEU C 321 -0.03 -27.45 7.51
C LEU C 321 -0.90 -28.11 6.44
N GLY C 322 -1.73 -29.05 6.87
CA GLY C 322 -2.65 -29.69 5.97
C GLY C 322 -2.01 -30.78 5.14
N GLY C 323 -1.43 -31.77 5.81
CA GLY C 323 -0.75 -32.86 5.13
C GLY C 323 -0.86 -34.14 5.92
N ARG C 324 0.26 -34.84 6.06
CA ARG C 324 0.28 -36.13 6.73
C ARG C 324 1.09 -36.03 8.02
N THR C 325 0.82 -34.99 8.80
CA THR C 325 1.63 -34.70 9.98
C THR C 325 0.71 -34.28 11.13
N LYS C 326 0.96 -34.82 12.32
CA LYS C 326 0.27 -34.41 13.54
C LYS C 326 1.02 -33.22 14.12
N THR C 327 0.50 -32.02 13.89
CA THR C 327 1.15 -30.79 14.28
C THR C 327 0.47 -30.17 15.50
N SER C 328 1.21 -29.33 16.21
CA SER C 328 0.70 -28.63 17.38
C SER C 328 1.21 -27.19 17.39
N ILE C 329 0.52 -26.34 18.15
CA ILE C 329 0.83 -24.92 18.25
C ILE C 329 0.69 -24.47 19.70
N ILE C 330 1.68 -23.71 20.17
CA ILE C 330 1.72 -23.23 21.55
C ILE C 330 1.73 -21.71 21.49
N ALA C 331 0.57 -21.10 21.72
CA ALA C 331 0.44 -19.65 21.62
C ALA C 331 0.83 -18.97 22.93
N THR C 332 1.43 -17.79 22.82
CA THR C 332 1.75 -16.95 23.96
C THR C 332 1.16 -15.56 23.75
N ILE C 333 0.57 -15.02 24.81
CA ILE C 333 -0.10 -13.73 24.74
C ILE C 333 0.20 -12.95 26.02
N SER C 334 0.41 -11.65 25.87
CA SER C 334 0.64 -10.81 27.03
C SER C 334 -0.71 -10.43 27.68
N PRO C 335 -0.78 -10.44 29.00
CA PRO C 335 -2.05 -10.10 29.66
C PRO C 335 -2.20 -8.60 29.88
N GLY C 336 -1.34 -7.82 29.22
CA GLY C 336 -1.37 -6.38 29.40
C GLY C 336 -2.62 -5.76 28.78
N HIS C 337 -3.22 -4.82 29.51
CA HIS C 337 -4.40 -4.13 28.99
C HIS C 337 -4.05 -3.28 27.77
N LYS C 338 -2.81 -2.77 27.71
CA LYS C 338 -2.41 -1.95 26.57
C LYS C 338 -2.35 -2.77 25.29
N ASP C 339 -1.69 -3.93 25.35
CA ASP C 339 -1.56 -4.79 24.18
C ASP C 339 -2.72 -5.78 24.08
N ILE C 340 -3.94 -5.27 24.23
CA ILE C 340 -5.12 -6.11 24.09
C ILE C 340 -5.37 -6.43 22.62
N GLU C 341 -5.11 -5.45 21.74
CA GLU C 341 -5.43 -5.62 20.33
C GLU C 341 -4.64 -6.76 19.71
N GLU C 342 -3.32 -6.75 19.84
CA GLU C 342 -2.53 -7.87 19.33
C GLU C 342 -2.86 -9.16 20.06
N THR C 343 -3.22 -9.07 21.33
CA THR C 343 -3.62 -10.27 22.06
C THR C 343 -4.89 -10.87 21.47
N LEU C 344 -5.94 -10.05 21.34
CA LEU C 344 -7.20 -10.57 20.82
C LEU C 344 -7.08 -11.00 19.36
N SER C 345 -6.37 -10.24 18.54
CA SER C 345 -6.27 -10.57 17.13
C SER C 345 -5.49 -11.87 16.91
N THR C 346 -4.43 -12.07 17.69
CA THR C 346 -3.62 -13.28 17.54
C THR C 346 -4.43 -14.52 17.87
N LEU C 347 -5.35 -14.41 18.83
CA LEU C 347 -6.14 -15.57 19.22
C LEU C 347 -7.03 -16.06 18.10
N GLU C 348 -7.27 -15.24 17.09
CA GLU C 348 -8.16 -15.62 15.99
C GLU C 348 -7.65 -16.85 15.27
N TYR C 349 -6.44 -16.77 14.72
CA TYR C 349 -5.89 -17.90 13.98
C TYR C 349 -5.74 -19.13 14.88
N ALA C 350 -5.50 -18.93 16.17
CA ALA C 350 -5.35 -20.06 17.07
C ALA C 350 -6.65 -20.84 17.18
N HIS C 351 -7.78 -20.15 17.35
CA HIS C 351 -9.06 -20.84 17.48
C HIS C 351 -9.49 -21.48 16.17
N ARG C 352 -9.27 -20.78 15.05
CA ARG C 352 -9.71 -21.29 13.75
C ARG C 352 -8.96 -22.56 13.36
N ALA C 353 -7.72 -22.71 13.83
CA ALA C 353 -6.88 -23.84 13.45
C ALA C 353 -7.46 -25.19 13.81
N LYS C 354 -8.40 -25.25 14.76
CA LYS C 354 -8.95 -26.54 15.17
C LYS C 354 -9.79 -27.18 14.07
N ASN C 355 -10.26 -26.38 13.10
CA ASN C 355 -11.06 -26.94 12.01
C ASN C 355 -10.21 -27.57 10.93
N ILE C 356 -8.90 -27.28 10.90
CA ILE C 356 -8.03 -27.81 9.86
C ILE C 356 -7.79 -29.29 10.09
N GLN C 357 -7.80 -30.07 9.02
CA GLN C 357 -7.64 -31.51 9.08
C GLN C 357 -6.31 -31.92 8.46
N ASN C 358 -6.00 -33.21 8.57
CA ASN C 358 -4.74 -33.77 8.07
C ASN C 358 -5.01 -35.10 7.39
N LYS C 359 -3.94 -35.75 6.96
CA LYS C 359 -4.00 -37.03 6.25
C LYS C 359 -3.10 -38.05 6.93
N PRO C 360 -3.50 -38.53 8.12
CA PRO C 360 -2.69 -39.46 8.94
C PRO C 360 -2.25 -40.71 8.17
#